data_5Z8K
#
_entry.id   5Z8K
#
_cell.length_a   77.847
_cell.length_b   89.157
_cell.length_c   117.364
_cell.angle_alpha   90.000
_cell.angle_beta   90.000
_cell.angle_gamma   90.000
#
_symmetry.space_group_name_H-M   'P 21 21 21'
#
loop_
_entity.id
_entity.type
_entity.pdbx_description
1 polymer "C-6' aminotransferase"
2 non-polymer "PYRIDOXAL-5'-PHOSPHATE"
3 non-polymer '(1R,2R,3S,4R,6S)-4,6-diamino-2,3-dihydroxycyclohexyl 2,6-diamino-2,6-dideoxy-alpha-D-glucopyranoside'
4 water water
#
_entity_poly.entity_id   1
_entity_poly.type   'polypeptide(L)'
_entity_poly.pdbx_seq_one_letter_code
;MGSSHHHHHHSSGLVPRGSHMTIDIGAGKLLAQEPTCPRDADGRPRVFVEGSGAYLTDPDGRRWIDFDNARGSVVLGHGD
EEVAEAIARAARGRSGVGTAWSPVLDSLLGQLQEVCGGDVVGLYRTGTAALRSVTCAVRDARDRSIVLSSGYHGYDPMWH
CDEPFTPNQHGIVEFLFDLDVLAEWLSRPEQVAAVVISPDHMHLGERWYTEFTRLTKEADVPVIADEVKVGLRYRAGLST
PLLDPAVWIVAKCLANGSPVAAVGGDAHLLAALEDVSFTSYFEPTAMAAATTTLRRMATGEPQQAIRAAGDRFIAHTRAA
FANAGVPIDLAGNGNLFQFVCADDEVADAFHAAAAAEGLLFFEGDNQTPSAAFTDEVVEDACGRIDRVSAALTGRFTDRE
LTEESWYASAWGAMDGLADRPRTREETTAIVERLWED
;
_entity_poly.pdbx_strand_id   A,B
#
# COMPACT_ATOMS: atom_id res chain seq x y z
N LYS A 29 10.65 1.43 21.22
CA LYS A 29 11.85 0.78 20.69
C LYS A 29 11.45 -0.32 19.71
N LEU A 30 10.14 -0.60 19.67
CA LEU A 30 9.66 -1.73 18.89
C LEU A 30 9.73 -1.49 17.39
N LEU A 31 9.50 -0.24 16.96
CA LEU A 31 9.31 0.06 15.56
C LEU A 31 10.64 0.06 14.80
N ALA A 32 10.69 -0.71 13.71
CA ALA A 32 11.88 -0.70 12.87
C ALA A 32 11.88 0.45 11.89
N GLN A 33 10.73 1.06 11.66
CA GLN A 33 10.60 2.17 10.72
C GLN A 33 10.71 3.49 11.47
N GLU A 34 10.86 4.58 10.70
CA GLU A 34 10.91 5.94 11.22
C GLU A 34 9.85 6.77 10.51
N PRO A 35 8.58 6.61 10.88
CA PRO A 35 7.52 7.32 10.16
C PRO A 35 7.63 8.82 10.38
N THR A 36 7.37 9.57 9.33
CA THR A 36 7.31 11.03 9.45
C THR A 36 6.08 11.41 10.26
N CYS A 37 6.28 12.19 11.32
CA CYS A 37 5.21 12.64 12.20
C CYS A 37 5.73 13.80 13.03
N PRO A 38 4.85 14.59 13.64
CA PRO A 38 5.35 15.66 14.53
C PRO A 38 6.12 15.07 15.68
N ARG A 39 7.28 15.66 15.97
CA ARG A 39 8.13 15.22 17.05
C ARG A 39 8.54 16.41 17.89
N ASP A 40 8.80 16.16 19.17
CA ASP A 40 9.29 17.22 20.03
C ASP A 40 10.80 17.43 19.80
N ALA A 41 11.37 18.39 20.53
CA ALA A 41 12.75 18.78 20.28
C ALA A 41 13.74 17.63 20.51
N ASP A 42 13.36 16.63 21.31
CA ASP A 42 14.20 15.45 21.55
C ASP A 42 13.99 14.36 20.52
N GLY A 43 13.06 14.53 19.60
CA GLY A 43 12.81 13.52 18.59
C GLY A 43 11.72 12.52 18.92
N ARG A 44 11.02 12.69 20.06
CA ARG A 44 9.94 11.76 20.41
C ARG A 44 8.64 12.16 19.72
N PRO A 45 7.86 11.20 19.21
CA PRO A 45 6.59 11.56 18.55
C PRO A 45 5.64 12.27 19.49
N ARG A 46 5.03 13.36 19.00
CA ARG A 46 3.91 13.96 19.71
C ARG A 46 2.67 13.09 19.52
N VAL A 47 2.01 12.76 20.60
CA VAL A 47 0.83 11.92 20.54
C VAL A 47 -0.40 12.81 20.59
N PHE A 48 -1.38 12.53 19.72
CA PHE A 48 -2.68 13.19 19.75
C PHE A 48 -3.77 12.15 19.84
N VAL A 49 -4.74 12.43 20.72
CA VAL A 49 -5.79 11.49 21.06
C VAL A 49 -6.95 11.55 20.09
N GLU A 50 -7.30 12.75 19.62
CA GLU A 50 -8.50 12.92 18.82
C GLU A 50 -8.37 14.19 17.99
N GLY A 51 -9.24 14.29 17.00
CA GLY A 51 -9.23 15.44 16.12
C GLY A 51 -10.61 15.69 15.57
N SER A 52 -10.89 16.97 15.30
CA SER A 52 -12.16 17.33 14.69
C SER A 52 -11.94 18.59 13.89
N GLY A 53 -12.13 18.48 12.58
CA GLY A 53 -11.95 19.63 11.72
C GLY A 53 -10.49 20.04 11.65
N ALA A 54 -10.19 21.23 12.17
CA ALA A 54 -8.82 21.73 12.19
C ALA A 54 -8.14 21.59 13.54
N TYR A 55 -8.84 21.05 14.55
CA TYR A 55 -8.32 21.01 15.91
C TYR A 55 -7.92 19.59 16.31
N LEU A 56 -6.78 19.46 16.96
CA LEU A 56 -6.36 18.22 17.60
C LEU A 56 -6.34 18.41 19.12
N THR A 57 -6.57 17.33 19.86
CA THR A 57 -6.46 17.33 21.32
C THR A 57 -5.36 16.38 21.76
N ASP A 58 -4.43 16.85 22.62
CA ASP A 58 -3.32 16.01 23.04
C ASP A 58 -3.66 15.29 24.34
N PRO A 59 -2.79 14.39 24.82
CA PRO A 59 -3.14 13.63 26.04
C PRO A 59 -3.41 14.51 27.25
N ASP A 60 -2.79 15.68 27.33
CA ASP A 60 -3.04 16.59 28.45
C ASP A 60 -4.27 17.48 28.27
N GLY A 61 -5.04 17.31 27.20
CA GLY A 61 -6.24 18.13 27.00
C GLY A 61 -6.06 19.40 26.18
N ARG A 62 -4.86 19.72 25.71
CA ARG A 62 -4.62 20.98 25.01
C ARG A 62 -5.05 20.88 23.55
N ARG A 63 -5.63 21.95 23.01
CA ARG A 63 -6.11 21.95 21.63
C ARG A 63 -5.10 22.62 20.71
N TRP A 64 -4.76 21.94 19.62
CA TRP A 64 -3.82 22.42 18.63
C TRP A 64 -4.52 22.61 17.28
N ILE A 65 -4.05 23.59 16.50
CA ILE A 65 -4.54 23.78 15.14
C ILE A 65 -3.59 23.06 14.19
N ASP A 66 -4.15 22.19 13.34
CA ASP A 66 -3.35 21.32 12.47
C ASP A 66 -3.12 21.97 11.13
N PHE A 67 -1.85 22.22 10.81
CA PHE A 67 -1.42 22.64 9.48
C PHE A 67 -0.73 21.53 8.71
N ASP A 68 -0.45 20.40 9.36
CA ASP A 68 0.21 19.25 8.75
C ASP A 68 -0.82 18.38 8.04
N ASN A 69 -1.89 17.99 8.74
CA ASN A 69 -3.04 17.34 8.11
C ASN A 69 -2.66 16.05 7.38
N ALA A 70 -1.93 15.18 8.09
CA ALA A 70 -1.46 13.92 7.55
C ALA A 70 -0.69 14.15 6.25
N ARG A 71 0.28 15.06 6.34
CA ARG A 71 1.17 15.40 5.22
C ARG A 71 0.36 15.88 4.02
N GLY A 72 -0.75 16.57 4.29
CA GLY A 72 -1.57 17.12 3.24
C GLY A 72 -2.64 16.21 2.70
N SER A 73 -2.88 15.06 3.33
CA SER A 73 -3.89 14.15 2.81
C SER A 73 -5.27 14.36 3.42
N VAL A 74 -5.37 15.09 4.53
CA VAL A 74 -6.67 15.46 5.11
C VAL A 74 -7.00 16.84 4.55
N VAL A 75 -7.79 16.89 3.47
CA VAL A 75 -8.10 18.17 2.83
C VAL A 75 -9.49 18.69 3.16
N LEU A 76 -10.39 17.82 3.61
CA LEU A 76 -11.71 18.26 4.05
C LEU A 76 -11.73 18.61 5.53
N GLY A 77 -10.95 17.90 6.35
CA GLY A 77 -10.96 18.11 7.79
C GLY A 77 -11.07 16.78 8.52
N HIS A 78 -10.47 16.73 9.69
CA HIS A 78 -10.50 15.51 10.48
C HIS A 78 -11.92 15.17 10.90
N GLY A 79 -12.29 13.91 10.75
CA GLY A 79 -13.63 13.47 11.10
C GLY A 79 -14.76 14.02 10.26
N ASP A 80 -14.48 14.48 9.03
CA ASP A 80 -15.51 15.04 8.16
C ASP A 80 -16.74 14.13 8.11
N GLU A 81 -17.93 14.70 8.43
CA GLU A 81 -19.08 13.84 8.72
C GLU A 81 -19.62 13.16 7.47
N GLU A 82 -19.62 13.84 6.33
CA GLU A 82 -20.11 13.18 5.12
C GLU A 82 -19.22 11.99 4.74
N VAL A 83 -17.90 12.15 4.81
CA VAL A 83 -17.02 11.02 4.56
C VAL A 83 -17.21 9.95 5.63
N ALA A 84 -17.34 10.37 6.89
CA ALA A 84 -17.49 9.39 7.97
C ALA A 84 -18.75 8.55 7.78
N GLU A 85 -19.81 9.16 7.30
CA GLU A 85 -21.06 8.44 7.08
C GLU A 85 -20.88 7.41 5.96
N ALA A 86 -20.17 7.79 4.90
CA ALA A 86 -19.95 6.85 3.81
C ALA A 86 -19.04 5.71 4.25
N ILE A 87 -18.00 6.02 5.03
CA ILE A 87 -17.12 4.96 5.51
C ILE A 87 -17.88 3.99 6.41
N ALA A 88 -18.70 4.53 7.31
CA ALA A 88 -19.41 3.68 8.25
C ALA A 88 -20.36 2.72 7.54
N ARG A 89 -21.02 3.20 6.49
CA ARG A 89 -21.92 2.37 5.69
C ARG A 89 -21.10 1.30 4.97
N ALA A 90 -20.01 1.70 4.34
CA ALA A 90 -19.14 0.73 3.68
C ALA A 90 -18.60 -0.30 4.66
N ALA A 91 -18.31 0.12 5.90
CA ALA A 91 -17.82 -0.85 6.88
C ALA A 91 -18.87 -1.89 7.25
N ARG A 92 -20.13 -1.65 6.93
CA ARG A 92 -21.20 -2.60 7.20
C ARG A 92 -21.63 -3.34 5.95
N GLY A 93 -20.85 -3.22 4.87
CA GLY A 93 -21.12 -3.95 3.65
C GLY A 93 -22.27 -3.44 2.81
N ARG A 94 -22.70 -2.18 3.00
CA ARG A 94 -23.95 -1.71 2.39
C ARG A 94 -23.83 -1.38 0.91
N SER A 95 -22.63 -1.24 0.34
CA SER A 95 -22.55 -0.99 -1.10
C SER A 95 -21.54 -1.89 -1.80
N GLY A 96 -21.09 -2.94 -1.15
CA GLY A 96 -20.14 -3.85 -1.75
C GLY A 96 -19.24 -4.44 -0.69
N VAL A 97 -18.45 -5.43 -1.11
CA VAL A 97 -17.56 -6.16 -0.22
C VAL A 97 -16.19 -6.24 -0.89
N GLY A 98 -15.17 -6.55 -0.08
CA GLY A 98 -13.83 -6.70 -0.64
C GLY A 98 -13.66 -7.89 -1.54
N THR A 99 -14.63 -8.79 -1.57
CA THR A 99 -14.50 -9.96 -2.44
C THR A 99 -14.61 -9.60 -3.92
N ALA A 100 -15.37 -8.57 -4.28
CA ALA A 100 -15.86 -8.50 -5.65
C ALA A 100 -16.09 -7.08 -6.14
N TRP A 101 -16.04 -6.94 -7.46
CA TRP A 101 -16.48 -5.74 -8.14
C TRP A 101 -17.85 -5.29 -7.63
N SER A 102 -18.00 -3.97 -7.54
CA SER A 102 -19.26 -3.34 -7.16
C SER A 102 -19.41 -2.02 -7.90
N PRO A 103 -20.63 -1.47 -7.97
CA PRO A 103 -20.84 -0.21 -8.71
C PRO A 103 -20.05 0.97 -8.19
N VAL A 104 -19.62 0.97 -6.92
CA VAL A 104 -18.86 2.12 -6.45
C VAL A 104 -17.55 2.24 -7.21
N LEU A 105 -16.97 1.10 -7.63
CA LEU A 105 -15.71 1.14 -8.37
C LEU A 105 -15.91 1.77 -9.74
N ASP A 106 -17.00 1.43 -10.44
CA ASP A 106 -17.28 2.05 -11.74
C ASP A 106 -17.33 3.55 -11.62
N SER A 107 -18.06 4.04 -10.61
CA SER A 107 -18.21 5.48 -10.46
C SER A 107 -16.87 6.14 -10.12
N LEU A 108 -16.07 5.51 -9.25
CA LEU A 108 -14.77 6.09 -8.89
C LEU A 108 -13.85 6.23 -10.09
N LEU A 109 -13.72 5.18 -10.90
CA LEU A 109 -12.84 5.25 -12.06
C LEU A 109 -13.32 6.32 -13.03
N GLY A 110 -14.63 6.42 -13.22
CA GLY A 110 -15.18 7.50 -14.03
C GLY A 110 -14.87 8.88 -13.49
N GLN A 111 -15.00 9.06 -12.16
CA GLN A 111 -14.70 10.37 -11.59
C GLN A 111 -13.24 10.74 -11.81
N LEU A 112 -12.34 9.77 -11.68
CA LEU A 112 -10.92 10.06 -11.85
C LEU A 112 -10.61 10.47 -13.29
N GLN A 113 -11.09 9.68 -14.25
CA GLN A 113 -10.83 9.99 -15.65
C GLN A 113 -11.43 11.34 -16.03
N GLU A 114 -12.57 11.71 -15.44
CA GLU A 114 -13.21 12.97 -15.76
C GLU A 114 -12.39 14.16 -15.26
N VAL A 115 -11.81 14.06 -14.06
CA VAL A 115 -11.09 15.19 -13.47
C VAL A 115 -9.66 15.27 -13.98
N CYS A 116 -9.00 14.12 -14.16
CA CYS A 116 -7.58 14.12 -14.49
C CYS A 116 -7.30 13.82 -15.96
N GLY A 117 -8.25 13.20 -16.66
CA GLY A 117 -8.04 12.85 -18.05
C GLY A 117 -7.30 11.54 -18.21
N GLY A 118 -7.08 11.14 -19.45
CA GLY A 118 -6.29 9.97 -19.73
C GLY A 118 -7.09 8.86 -20.40
N ASP A 119 -6.36 7.96 -21.07
CA ASP A 119 -6.95 6.79 -21.71
C ASP A 119 -7.48 5.81 -20.67
N VAL A 120 -6.64 5.47 -19.69
CA VAL A 120 -6.91 4.42 -18.71
C VAL A 120 -6.54 4.93 -17.32
N VAL A 121 -7.00 4.20 -16.29
CA VAL A 121 -6.75 4.55 -14.90
C VAL A 121 -6.39 3.30 -14.12
N GLY A 122 -5.70 3.48 -13.00
CA GLY A 122 -5.37 2.40 -12.10
C GLY A 122 -5.36 2.91 -10.66
N LEU A 123 -5.40 1.97 -9.72
CA LEU A 123 -5.50 2.30 -8.30
C LEU A 123 -4.41 1.60 -7.50
N TYR A 124 -3.98 2.23 -6.40
CA TYR A 124 -2.90 1.75 -5.54
C TYR A 124 -3.23 2.14 -4.11
N ARG A 125 -2.49 1.58 -3.14
CA ARG A 125 -2.73 1.94 -1.75
C ARG A 125 -1.84 3.07 -1.24
N THR A 126 -0.68 3.31 -1.88
CA THR A 126 0.21 4.40 -1.50
C THR A 126 0.74 5.09 -2.75
N GLY A 127 1.18 6.32 -2.54
CA GLY A 127 1.91 7.01 -3.60
C GLY A 127 3.19 6.29 -3.99
N THR A 128 3.89 5.71 -3.01
CA THR A 128 5.14 4.98 -3.30
C THR A 128 4.88 3.81 -4.25
N ALA A 129 3.83 3.03 -3.99
CA ALA A 129 3.53 1.88 -4.84
C ALA A 129 3.15 2.34 -6.24
N ALA A 130 2.33 3.39 -6.32
CA ALA A 130 1.89 3.90 -7.61
C ALA A 130 3.09 4.37 -8.44
N LEU A 131 3.99 5.14 -7.82
CA LEU A 131 5.13 5.67 -8.55
C LEU A 131 6.05 4.57 -9.03
N ARG A 132 6.28 3.54 -8.22
CA ARG A 132 7.16 2.46 -8.67
C ARG A 132 6.50 1.71 -9.83
N SER A 133 5.21 1.43 -9.72
CA SER A 133 4.52 0.64 -10.73
C SER A 133 4.45 1.38 -12.07
N VAL A 134 4.12 2.67 -12.06
CA VAL A 134 4.03 3.41 -13.32
C VAL A 134 5.43 3.62 -13.92
N THR A 135 6.44 3.88 -13.09
CA THR A 135 7.79 4.11 -13.64
C THR A 135 8.33 2.84 -14.29
N CYS A 136 8.15 1.68 -13.65
CA CYS A 136 8.56 0.42 -14.28
C CYS A 136 7.76 0.14 -15.55
N ALA A 137 6.45 0.41 -15.55
CA ALA A 137 5.63 0.16 -16.72
C ALA A 137 6.06 1.03 -17.90
N VAL A 138 6.28 2.32 -17.65
CA VAL A 138 6.69 3.25 -18.71
C VAL A 138 8.06 2.86 -19.24
N ARG A 139 8.98 2.53 -18.35
CA ARG A 139 10.33 2.13 -18.77
C ARG A 139 10.26 0.91 -19.66
N ASP A 140 9.39 -0.05 -19.33
CA ASP A 140 9.24 -1.26 -20.12
C ASP A 140 8.58 -0.97 -21.46
N ALA A 141 7.58 -0.09 -21.48
CA ALA A 141 6.94 0.28 -22.75
C ALA A 141 7.91 0.98 -23.68
N ARG A 142 8.80 1.80 -23.13
CA ARG A 142 9.71 2.60 -23.93
C ARG A 142 10.97 1.85 -24.33
N ASP A 143 11.23 0.70 -23.70
CA ASP A 143 12.42 -0.11 -23.94
C ASP A 143 13.70 0.74 -23.94
N ARG A 144 13.80 1.61 -22.94
CA ARG A 144 14.97 2.45 -22.70
C ARG A 144 15.28 2.41 -21.21
N SER A 145 16.53 2.72 -20.85
CA SER A 145 16.99 2.42 -19.49
C SER A 145 17.09 3.64 -18.56
N ILE A 146 17.16 4.86 -19.07
CA ILE A 146 17.38 6.03 -18.22
C ILE A 146 16.06 6.71 -17.91
N VAL A 147 15.83 7.01 -16.64
CA VAL A 147 14.72 7.85 -16.20
C VAL A 147 15.29 9.07 -15.51
N LEU A 148 14.87 10.27 -15.95
CA LEU A 148 15.28 11.52 -15.31
C LEU A 148 14.22 11.91 -14.28
N SER A 149 14.64 12.28 -13.08
CA SER A 149 13.69 12.48 -12.00
C SER A 149 14.00 13.75 -11.21
N SER A 150 12.95 14.50 -10.81
CA SER A 150 13.08 15.54 -9.80
C SER A 150 11.90 15.42 -8.84
N GLY A 151 12.17 15.69 -7.57
CA GLY A 151 11.13 15.62 -6.55
C GLY A 151 11.10 14.25 -5.87
N TYR A 152 10.36 14.20 -4.76
CA TYR A 152 10.24 12.97 -3.99
C TYR A 152 9.16 12.09 -4.59
N HIS A 153 9.43 10.80 -4.70
CA HIS A 153 8.50 9.85 -5.31
C HIS A 153 8.15 8.69 -4.38
N GLY A 154 8.53 8.75 -3.11
CA GLY A 154 8.21 7.70 -2.18
C GLY A 154 9.47 7.03 -1.64
N TYR A 155 9.24 6.05 -0.78
CA TYR A 155 10.33 5.50 0.01
C TYR A 155 11.07 4.35 -0.70
N ASP A 156 10.60 3.89 -1.85
CA ASP A 156 11.19 2.70 -2.45
C ASP A 156 12.67 2.90 -2.75
N PRO A 157 13.51 1.88 -2.52
CA PRO A 157 14.95 2.01 -2.76
C PRO A 157 15.34 2.28 -4.21
N MET A 158 14.44 2.11 -5.18
CA MET A 158 14.79 2.40 -6.57
C MET A 158 15.18 3.86 -6.78
N TRP A 159 14.69 4.76 -5.92
CA TRP A 159 15.01 6.18 -6.01
C TRP A 159 16.27 6.57 -5.24
N HIS A 160 16.85 5.67 -4.45
CA HIS A 160 18.02 6.04 -3.65
C HIS A 160 19.20 6.34 -4.56
N CYS A 161 19.95 7.40 -4.24
CA CYS A 161 21.15 7.64 -5.03
C CYS A 161 22.24 8.27 -4.17
N ASP A 162 23.49 7.97 -4.55
CA ASP A 162 24.66 8.48 -3.84
C ASP A 162 25.00 9.90 -4.24
N GLU A 163 24.78 10.27 -5.49
CA GLU A 163 25.13 11.60 -6.00
C GLU A 163 24.03 12.06 -6.98
N PRO A 164 23.80 13.36 -7.05
CA PRO A 164 22.89 13.87 -8.09
C PRO A 164 23.57 13.90 -9.46
N PHE A 165 22.73 14.01 -10.48
CA PHE A 165 23.12 14.27 -11.87
C PHE A 165 23.80 13.08 -12.53
N THR A 166 23.77 11.91 -11.89
CA THR A 166 24.39 10.71 -12.41
C THR A 166 23.46 9.54 -12.17
N PRO A 167 23.50 8.51 -13.02
CA PRO A 167 22.53 7.42 -12.86
C PRO A 167 22.84 6.57 -11.65
N ASN A 168 21.80 6.26 -10.88
CA ASN A 168 21.94 5.30 -9.79
C ASN A 168 21.92 3.90 -10.39
N GLN A 169 21.92 2.88 -9.53
CA GLN A 169 22.03 1.54 -10.05
C GLN A 169 20.76 1.06 -10.73
N HIS A 170 19.65 1.79 -10.59
CA HIS A 170 18.41 1.47 -11.27
C HIS A 170 18.22 2.31 -12.54
N GLY A 171 19.24 3.06 -12.95
CA GLY A 171 19.16 3.92 -14.12
C GLY A 171 18.44 5.23 -13.92
N ILE A 172 18.21 5.66 -12.68
CA ILE A 172 17.47 6.89 -12.42
C ILE A 172 18.49 7.99 -12.17
N VAL A 173 18.27 9.14 -12.80
CA VAL A 173 19.15 10.31 -12.71
C VAL A 173 18.38 11.42 -12.00
N GLU A 174 18.86 11.83 -10.83
CA GLU A 174 18.25 12.95 -10.13
C GLU A 174 18.80 14.27 -10.69
N PHE A 175 17.91 15.16 -11.15
CA PHE A 175 18.40 16.42 -11.69
C PHE A 175 17.94 17.65 -10.92
N LEU A 176 17.26 17.49 -9.77
CA LEU A 176 17.03 18.55 -8.78
C LEU A 176 16.34 19.79 -9.37
N PHE A 177 15.48 19.60 -10.38
CA PHE A 177 14.76 20.67 -11.09
C PHE A 177 15.70 21.65 -11.80
N ASP A 178 16.92 21.25 -12.09
CA ASP A 178 17.85 22.10 -12.82
C ASP A 178 17.71 21.83 -14.32
N LEU A 179 17.26 22.83 -15.06
CA LEU A 179 16.97 22.62 -16.48
C LEU A 179 18.22 22.57 -17.34
N ASP A 180 19.35 23.11 -16.86
CA ASP A 180 20.61 22.95 -17.58
C ASP A 180 21.10 21.51 -17.53
N VAL A 181 21.00 20.87 -16.36
CA VAL A 181 21.31 19.44 -16.27
C VAL A 181 20.32 18.62 -17.10
N LEU A 182 19.03 18.99 -17.06
CA LEU A 182 18.03 18.29 -17.85
C LEU A 182 18.32 18.38 -19.34
N ALA A 183 18.62 19.59 -19.81
CA ALA A 183 18.95 19.79 -21.21
C ALA A 183 20.16 18.95 -21.62
N GLU A 184 21.11 18.80 -20.71
CA GLU A 184 22.28 17.98 -21.02
C GLU A 184 21.88 16.52 -21.24
N TRP A 185 21.02 15.99 -20.36
CA TRP A 185 20.63 14.59 -20.47
C TRP A 185 19.66 14.37 -21.63
N LEU A 186 18.88 15.38 -21.99
CA LEU A 186 17.95 15.22 -23.10
C LEU A 186 18.60 15.50 -24.46
N SER A 187 19.86 15.94 -24.48
CA SER A 187 20.57 16.08 -25.74
C SER A 187 20.93 14.73 -26.36
N ARG A 188 20.91 13.66 -25.57
CA ARG A 188 21.09 12.27 -25.99
C ARG A 188 19.80 11.53 -25.76
N PRO A 189 18.71 11.89 -26.44
CA PRO A 189 17.38 11.47 -25.98
C PRO A 189 17.06 10.01 -26.20
N GLU A 190 17.76 9.32 -27.10
CA GLU A 190 17.32 7.99 -27.52
C GLU A 190 17.32 6.97 -26.38
N GLN A 191 18.06 7.18 -25.30
CA GLN A 191 18.04 6.22 -24.20
C GLN A 191 17.22 6.71 -23.00
N VAL A 192 16.52 7.82 -23.12
CA VAL A 192 15.75 8.36 -22.01
C VAL A 192 14.32 7.84 -22.13
N ALA A 193 13.93 6.96 -21.20
CA ALA A 193 12.58 6.41 -21.21
C ALA A 193 11.54 7.46 -20.83
N ALA A 194 11.82 8.26 -19.79
CA ALA A 194 10.80 9.16 -19.24
C ALA A 194 11.46 10.20 -18.34
N VAL A 195 10.73 11.30 -18.12
CA VAL A 195 11.07 12.29 -17.10
C VAL A 195 9.92 12.31 -16.10
N VAL A 196 10.24 12.09 -14.82
CA VAL A 196 9.22 12.06 -13.77
C VAL A 196 9.51 13.21 -12.80
N ILE A 197 8.53 14.08 -12.58
CA ILE A 197 8.74 15.22 -11.71
C ILE A 197 7.56 15.36 -10.77
N SER A 198 7.85 15.79 -9.55
CA SER A 198 6.85 16.18 -8.57
C SER A 198 6.73 17.69 -8.64
N PRO A 199 5.71 18.24 -9.31
CA PRO A 199 5.69 19.69 -9.56
C PRO A 199 5.61 20.49 -8.27
N ASP A 200 6.39 21.55 -8.21
CA ASP A 200 6.33 22.52 -7.13
C ASP A 200 5.86 23.85 -7.70
N HIS A 201 5.07 24.56 -6.91
CA HIS A 201 4.58 25.87 -7.31
C HIS A 201 4.91 26.96 -6.30
N MET A 202 5.65 26.64 -5.24
CA MET A 202 6.14 27.68 -4.36
C MET A 202 7.41 28.33 -4.93
N HIS A 203 8.27 27.52 -5.55
CA HIS A 203 9.60 27.97 -5.94
C HIS A 203 9.89 27.79 -7.44
N LEU A 204 8.97 27.22 -8.21
CA LEU A 204 9.08 27.14 -9.66
C LEU A 204 7.92 27.91 -10.27
N GLY A 205 8.23 28.74 -11.27
CA GLY A 205 7.24 29.60 -11.90
C GLY A 205 6.90 29.19 -13.34
N GLU A 206 6.07 30.03 -13.96
CA GLU A 206 5.57 29.71 -15.29
C GLU A 206 6.72 29.50 -16.27
N ARG A 207 7.78 30.30 -16.14
CA ARG A 207 8.94 30.20 -17.02
C ARG A 207 9.63 28.86 -16.89
N TRP A 208 9.68 28.29 -15.69
CA TRP A 208 10.30 26.98 -15.52
C TRP A 208 9.49 25.93 -16.27
N TYR A 209 8.18 25.92 -16.06
CA TYR A 209 7.35 24.89 -16.67
C TYR A 209 7.31 25.02 -18.19
N THR A 210 7.32 26.25 -18.73
CA THR A 210 7.28 26.38 -20.18
C THR A 210 8.58 25.86 -20.81
N GLU A 211 9.72 26.10 -20.17
CA GLU A 211 10.98 25.56 -20.69
C GLU A 211 11.08 24.06 -20.48
N PHE A 212 10.66 23.56 -19.31
CA PHE A 212 10.65 22.12 -19.07
C PHE A 212 9.86 21.39 -20.16
N THR A 213 8.66 21.88 -20.48
CA THR A 213 7.81 21.19 -21.44
C THR A 213 8.39 21.32 -22.85
N ARG A 214 8.99 22.47 -23.16
CA ARG A 214 9.66 22.62 -24.45
C ARG A 214 10.78 21.61 -24.63
N LEU A 215 11.62 21.45 -23.59
CA LEU A 215 12.74 20.52 -23.66
C LEU A 215 12.27 19.08 -23.81
N THR A 216 11.25 18.69 -23.05
CA THR A 216 10.77 17.31 -23.13
C THR A 216 10.00 17.06 -24.40
N LYS A 217 9.30 18.06 -24.93
CA LYS A 217 8.62 17.88 -26.22
C LYS A 217 9.65 17.73 -27.35
N GLU A 218 10.68 18.56 -27.33
CA GLU A 218 11.76 18.49 -28.31
C GLU A 218 12.41 17.11 -28.33
N ALA A 219 12.73 16.55 -27.17
CA ALA A 219 13.30 15.21 -27.09
C ALA A 219 12.29 14.10 -27.31
N ASP A 220 10.99 14.42 -27.38
CA ASP A 220 9.90 13.45 -27.50
C ASP A 220 9.97 12.39 -26.40
N VAL A 221 10.20 12.83 -25.17
CA VAL A 221 10.25 11.94 -24.01
C VAL A 221 8.98 12.15 -23.20
N PRO A 222 8.27 11.09 -22.81
CA PRO A 222 7.02 11.28 -22.07
C PRO A 222 7.28 11.79 -20.67
N VAL A 223 6.38 12.63 -20.17
CA VAL A 223 6.48 13.19 -18.83
C VAL A 223 5.52 12.43 -17.91
N ILE A 224 6.04 11.94 -16.80
CA ILE A 224 5.23 11.40 -15.72
C ILE A 224 5.10 12.49 -14.67
N ALA A 225 3.87 12.97 -14.47
CA ALA A 225 3.59 14.04 -13.51
C ALA A 225 3.22 13.37 -12.21
N ASP A 226 4.17 13.36 -11.27
CA ASP A 226 3.89 12.84 -9.92
C ASP A 226 3.17 13.94 -9.15
N GLU A 227 1.85 13.91 -9.19
CA GLU A 227 1.00 14.91 -8.55
C GLU A 227 0.35 14.33 -7.29
N VAL A 228 1.08 13.44 -6.62
CA VAL A 228 0.61 12.89 -5.35
C VAL A 228 0.27 14.00 -4.37
N LYS A 229 1.06 15.07 -4.36
CA LYS A 229 0.83 16.19 -3.43
C LYS A 229 0.00 17.30 -4.04
N VAL A 230 0.26 17.68 -5.30
CA VAL A 230 -0.36 18.88 -5.87
C VAL A 230 -1.55 18.58 -6.77
N GLY A 231 -1.83 17.32 -7.07
CA GLY A 231 -3.00 17.02 -7.89
C GLY A 231 -4.27 17.29 -7.11
N LEU A 232 -5.14 18.09 -7.71
CA LEU A 232 -6.38 18.61 -7.10
C LEU A 232 -6.13 19.53 -5.91
N ARG A 233 -4.88 19.90 -5.64
CA ARG A 233 -4.57 20.72 -4.47
C ARG A 233 -5.00 22.16 -4.68
N TYR A 234 -4.95 22.64 -5.91
CA TYR A 234 -5.17 24.05 -6.17
C TYR A 234 -6.45 24.35 -6.92
N ARG A 235 -7.03 23.34 -7.56
CA ARG A 235 -8.17 23.47 -8.46
C ARG A 235 -8.67 22.07 -8.73
N ALA A 236 -9.79 21.96 -9.44
CA ALA A 236 -10.38 20.68 -9.79
C ALA A 236 -9.68 20.05 -11.00
N GLY A 237 -8.39 19.79 -10.82
CA GLY A 237 -7.59 19.19 -11.87
C GLY A 237 -6.14 19.09 -11.44
N LEU A 238 -5.28 18.76 -12.40
CA LEU A 238 -3.86 18.74 -12.12
C LEU A 238 -3.33 20.17 -11.94
N SER A 239 -2.09 20.28 -11.47
CA SER A 239 -1.63 21.55 -10.90
C SER A 239 -1.31 22.62 -11.96
N THR A 240 -0.92 22.23 -13.17
CA THR A 240 -0.65 23.32 -14.14
C THR A 240 -0.95 22.92 -15.57
N PRO A 241 -1.65 23.78 -16.33
CA PRO A 241 -1.84 23.51 -17.76
C PRO A 241 -0.56 23.65 -18.59
N LEU A 242 0.54 24.11 -18.00
CA LEU A 242 1.78 24.23 -18.75
C LEU A 242 2.56 22.94 -18.83
N LEU A 243 2.12 21.90 -18.12
CA LEU A 243 2.60 20.52 -18.29
C LEU A 243 1.64 19.73 -19.17
N ASP A 244 2.22 18.80 -19.93
CA ASP A 244 1.48 17.89 -20.80
C ASP A 244 1.87 16.46 -20.44
N PRO A 245 1.38 15.93 -19.31
CA PRO A 245 1.87 14.63 -18.86
C PRO A 245 1.31 13.49 -19.69
N ALA A 246 2.18 12.51 -19.98
CA ALA A 246 1.71 11.25 -20.56
C ALA A 246 1.08 10.34 -19.52
N VAL A 247 1.53 10.47 -18.28
CA VAL A 247 1.03 9.69 -17.16
C VAL A 247 0.95 10.61 -15.94
N TRP A 248 -0.12 10.48 -15.17
CA TRP A 248 -0.29 11.27 -13.95
C TRP A 248 -0.56 10.37 -12.76
N ILE A 249 -0.26 10.87 -11.56
CA ILE A 249 -0.52 10.17 -10.32
C ILE A 249 -1.03 11.19 -9.31
N VAL A 250 -2.10 10.85 -8.61
CA VAL A 250 -2.67 11.70 -7.57
C VAL A 250 -2.97 10.81 -6.37
N ALA A 251 -3.00 11.38 -5.18
CA ALA A 251 -3.27 10.60 -3.97
C ALA A 251 -3.76 11.40 -2.78
N LYS A 252 -2.91 12.28 -2.29
CA LYS A 252 -3.21 13.08 -1.12
C LYS A 252 -4.57 13.76 -1.10
N CYS A 253 -4.98 14.32 -2.23
CA CYS A 253 -6.25 15.05 -2.25
C CYS A 253 -7.45 14.15 -2.56
N LEU A 254 -7.26 12.83 -2.64
CA LEU A 254 -8.29 11.91 -3.15
C LEU A 254 -9.29 11.42 -2.11
N ALA A 255 -8.88 11.20 -0.86
CA ALA A 255 -9.70 10.39 0.03
C ALA A 255 -9.70 10.85 1.49
N ASN A 256 -9.36 12.11 1.73
CA ASN A 256 -9.32 12.68 3.07
C ASN A 256 -8.50 11.85 4.05
N GLY A 257 -7.42 11.27 3.55
CA GLY A 257 -6.47 10.54 4.36
C GLY A 257 -6.57 9.04 4.26
N SER A 258 -7.66 8.50 3.74
CA SER A 258 -7.73 7.05 3.56
C SER A 258 -6.71 6.63 2.50
N PRO A 259 -6.24 5.40 2.55
CA PRO A 259 -5.10 5.02 1.70
C PRO A 259 -5.48 4.68 0.27
N VAL A 260 -5.56 5.71 -0.57
CA VAL A 260 -5.90 5.56 -1.98
C VAL A 260 -4.97 6.44 -2.81
N ALA A 261 -4.38 5.86 -3.86
CA ALA A 261 -3.64 6.60 -4.87
C ALA A 261 -4.15 6.15 -6.23
N ALA A 262 -4.15 7.06 -7.21
CA ALA A 262 -4.68 6.77 -8.52
C ALA A 262 -3.69 7.19 -9.59
N VAL A 263 -3.71 6.50 -10.73
CA VAL A 263 -2.84 6.84 -11.85
C VAL A 263 -3.67 6.81 -13.12
N GLY A 264 -3.17 7.47 -14.15
CA GLY A 264 -3.84 7.41 -15.44
C GLY A 264 -2.97 7.99 -16.52
N GLY A 265 -3.39 7.79 -17.76
CA GLY A 265 -2.65 8.36 -18.89
C GLY A 265 -2.72 7.45 -20.11
N ASP A 266 -1.70 7.57 -20.96
CA ASP A 266 -1.67 6.88 -22.25
C ASP A 266 -1.71 5.37 -22.09
N ALA A 267 -2.64 4.70 -22.78
CA ALA A 267 -2.83 3.26 -22.61
C ALA A 267 -1.56 2.47 -22.92
N HIS A 268 -0.81 2.85 -23.97
CA HIS A 268 0.33 2.02 -24.36
C HIS A 268 1.45 2.09 -23.34
N LEU A 269 1.61 3.22 -22.66
CA LEU A 269 2.65 3.34 -21.66
C LEU A 269 2.31 2.62 -20.37
N LEU A 270 1.02 2.34 -20.13
CA LEU A 270 0.59 1.70 -18.91
C LEU A 270 0.16 0.26 -19.13
N ALA A 271 0.62 -0.39 -20.21
CA ALA A 271 0.13 -1.71 -20.55
C ALA A 271 0.53 -2.74 -19.51
N ALA A 272 1.73 -2.62 -18.95
CA ALA A 272 2.19 -3.58 -17.95
C ALA A 272 1.36 -3.54 -16.67
N LEU A 273 0.47 -2.56 -16.51
CA LEU A 273 -0.39 -2.52 -15.33
C LEU A 273 -1.40 -3.65 -15.31
N GLU A 274 -1.56 -4.35 -16.43
CA GLU A 274 -2.41 -5.54 -16.42
C GLU A 274 -1.90 -6.59 -15.45
N ASP A 275 -0.63 -6.55 -15.05
CA ASP A 275 -0.09 -7.50 -14.09
C ASP A 275 -0.32 -7.08 -12.64
N VAL A 276 -0.94 -5.93 -12.39
CA VAL A 276 -1.12 -5.44 -11.04
C VAL A 276 -2.43 -5.94 -10.47
N SER A 277 -2.36 -6.63 -9.33
CA SER A 277 -3.51 -7.00 -8.52
C SER A 277 -3.04 -7.06 -7.08
N PHE A 278 -3.92 -6.69 -6.15
CA PHE A 278 -3.58 -6.84 -4.75
C PHE A 278 -4.84 -7.16 -3.95
N THR A 279 -4.62 -7.77 -2.79
CA THR A 279 -5.68 -8.39 -2.03
C THR A 279 -6.78 -7.39 -1.65
N SER A 280 -6.41 -6.19 -1.25
CA SER A 280 -7.39 -5.24 -0.75
C SER A 280 -7.97 -4.36 -1.85
N TYR A 281 -7.86 -4.79 -3.12
CA TYR A 281 -8.26 -3.94 -4.25
C TYR A 281 -9.68 -3.41 -4.10
N PHE A 282 -10.60 -4.25 -3.67
CA PHE A 282 -12.01 -3.89 -3.61
C PHE A 282 -12.44 -3.44 -2.22
N GLU A 283 -11.50 -3.12 -1.35
CA GLU A 283 -11.83 -2.76 0.03
C GLU A 283 -12.83 -1.60 0.05
N PRO A 284 -14.03 -1.76 0.63
CA PRO A 284 -15.09 -0.76 0.42
C PRO A 284 -14.92 0.55 1.17
N THR A 285 -14.26 0.57 2.34
CA THR A 285 -14.18 1.85 3.04
C THR A 285 -13.26 2.83 2.32
N ALA A 286 -12.16 2.35 1.75
CA ALA A 286 -11.28 3.26 1.00
C ALA A 286 -12.00 3.82 -0.21
N MET A 287 -12.76 2.98 -0.91
CA MET A 287 -13.50 3.46 -2.08
C MET A 287 -14.60 4.43 -1.67
N ALA A 288 -15.25 4.20 -0.52
CA ALA A 288 -16.24 5.16 -0.02
C ALA A 288 -15.60 6.51 0.26
N ALA A 289 -14.45 6.50 0.91
CA ALA A 289 -13.77 7.75 1.24
C ALA A 289 -13.34 8.47 -0.03
N ALA A 290 -12.82 7.73 -1.01
CA ALA A 290 -12.36 8.37 -2.25
C ALA A 290 -13.53 8.92 -3.06
N THR A 291 -14.61 8.15 -3.25
CA THR A 291 -15.69 8.67 -4.09
C THR A 291 -16.32 9.92 -3.45
N THR A 292 -16.47 9.93 -2.14
CA THR A 292 -17.09 11.04 -1.44
C THR A 292 -16.20 12.28 -1.49
N THR A 293 -14.90 12.10 -1.19
CA THR A 293 -13.97 13.23 -1.21
C THR A 293 -13.80 13.78 -2.61
N LEU A 294 -13.59 12.88 -3.58
CA LEU A 294 -13.35 13.33 -4.94
C LEU A 294 -14.53 14.10 -5.49
N ARG A 295 -15.75 13.71 -5.11
CA ARG A 295 -16.92 14.46 -5.53
C ARG A 295 -16.85 15.91 -5.09
N ARG A 296 -16.43 16.15 -3.84
CA ARG A 296 -16.28 17.53 -3.35
C ARG A 296 -15.07 18.22 -3.96
N MET A 297 -13.95 17.52 -4.11
CA MET A 297 -12.77 18.16 -4.68
C MET A 297 -12.97 18.49 -6.16
N ALA A 298 -13.84 17.76 -6.86
CA ALA A 298 -14.04 17.99 -8.28
C ALA A 298 -14.84 19.26 -8.56
N THR A 299 -15.51 19.81 -7.55
CA THR A 299 -16.20 21.08 -7.71
C THR A 299 -15.26 22.28 -7.66
N GLY A 300 -14.06 22.12 -7.08
CA GLY A 300 -13.16 23.23 -6.86
C GLY A 300 -13.51 24.08 -5.67
N GLU A 301 -14.62 23.84 -5.01
CA GLU A 301 -15.05 24.71 -3.93
C GLU A 301 -14.18 24.56 -2.68
N PRO A 302 -13.83 23.35 -2.24
CA PRO A 302 -12.92 23.27 -1.08
C PRO A 302 -11.60 23.99 -1.30
N GLN A 303 -11.00 23.83 -2.48
CA GLN A 303 -9.71 24.47 -2.71
C GLN A 303 -9.85 25.99 -2.74
N GLN A 304 -10.99 26.51 -3.23
CA GLN A 304 -11.18 27.95 -3.21
C GLN A 304 -11.27 28.46 -1.79
N ALA A 305 -12.01 27.75 -0.93
CA ALA A 305 -12.14 28.17 0.46
C ALA A 305 -10.82 28.09 1.19
N ILE A 306 -10.05 27.01 0.97
CA ILE A 306 -8.76 26.87 1.62
C ILE A 306 -7.84 27.99 1.17
N ARG A 307 -7.86 28.32 -0.12
CA ARG A 307 -6.96 29.35 -0.65
C ARG A 307 -7.22 30.69 0.05
N ALA A 308 -8.50 31.05 0.18
CA ALA A 308 -8.87 32.31 0.79
C ALA A 308 -8.46 32.35 2.27
N ALA A 309 -8.82 31.31 3.02
CA ALA A 309 -8.49 31.25 4.44
C ALA A 309 -6.99 31.22 4.64
N GLY A 310 -6.29 30.36 3.89
CA GLY A 310 -4.86 30.26 4.05
C GLY A 310 -4.15 31.55 3.65
N ASP A 311 -4.67 32.24 2.63
CA ASP A 311 -4.06 33.50 2.23
C ASP A 311 -4.15 34.54 3.35
N ARG A 312 -5.27 34.56 4.09
CA ARG A 312 -5.41 35.50 5.20
C ARG A 312 -4.41 35.20 6.29
N PHE A 313 -4.24 33.91 6.62
CA PHE A 313 -3.24 33.54 7.62
C PHE A 313 -1.83 33.93 7.17
N ILE A 314 -1.51 33.70 5.89
CA ILE A 314 -0.16 34.00 5.41
C ILE A 314 0.11 35.50 5.50
N ALA A 315 -0.86 36.31 5.10
CA ALA A 315 -0.68 37.76 5.12
C ALA A 315 -0.48 38.25 6.54
N HIS A 316 -1.30 37.77 7.48
CA HIS A 316 -1.16 38.17 8.88
C HIS A 316 0.21 37.78 9.42
N THR A 317 0.61 36.53 9.16
CA THR A 317 1.86 36.03 9.73
C THR A 317 3.06 36.75 9.15
N ARG A 318 3.09 36.95 7.84
CA ARG A 318 4.22 37.63 7.22
C ARG A 318 4.42 39.01 7.83
N ALA A 319 3.31 39.72 8.07
CA ALA A 319 3.39 41.06 8.65
C ALA A 319 3.79 41.01 10.12
N ALA A 320 3.27 40.04 10.87
CA ALA A 320 3.63 39.91 12.29
C ALA A 320 5.13 39.76 12.46
N PHE A 321 5.75 38.86 11.70
CA PHE A 321 7.19 38.70 11.79
C PHE A 321 7.92 39.94 11.29
N ALA A 322 7.49 40.46 10.13
CA ALA A 322 8.23 41.59 9.55
C ALA A 322 8.21 42.79 10.48
N ASN A 323 7.05 43.08 11.08
CA ASN A 323 6.91 44.23 11.96
C ASN A 323 7.55 44.04 13.32
N ALA A 324 8.16 42.88 13.57
CA ALA A 324 8.83 42.63 14.84
C ALA A 324 10.31 42.31 14.63
N GLY A 325 10.83 42.47 13.41
CA GLY A 325 12.22 42.17 13.13
C GLY A 325 12.57 40.70 13.13
N VAL A 326 11.57 39.81 13.12
CA VAL A 326 11.78 38.36 13.11
C VAL A 326 12.07 37.92 11.69
N PRO A 327 13.27 37.31 11.42
CA PRO A 327 13.75 36.95 10.06
C PRO A 327 13.13 35.65 9.56
N ILE A 328 11.82 35.69 9.36
CA ILE A 328 11.07 34.55 8.84
C ILE A 328 10.08 35.07 7.82
N ASP A 329 10.12 34.52 6.61
CA ASP A 329 9.15 34.84 5.57
C ASP A 329 8.36 33.59 5.23
N LEU A 330 7.42 33.72 4.30
CA LEU A 330 6.62 32.59 3.83
C LEU A 330 6.63 32.55 2.31
N ALA A 331 6.60 31.34 1.76
CA ALA A 331 6.47 31.12 0.32
C ALA A 331 5.21 30.30 0.05
N GLY A 332 4.68 30.41 -1.15
CA GLY A 332 3.49 29.65 -1.51
C GLY A 332 2.21 30.45 -1.36
N ASN A 333 1.11 29.71 -1.17
CA ASN A 333 -0.20 30.36 -1.04
C ASN A 333 -1.04 29.57 -0.04
N GLY A 334 -2.31 29.95 0.08
CA GLY A 334 -3.16 29.39 1.10
C GLY A 334 -3.35 27.88 1.01
N ASN A 335 -3.24 27.31 -0.20
CA ASN A 335 -3.40 25.87 -0.36
C ASN A 335 -2.18 25.11 0.11
N LEU A 336 -1.00 25.71 -0.05
CA LEU A 336 0.26 25.03 0.22
C LEU A 336 1.34 26.09 0.37
N PHE A 337 1.93 26.18 1.56
CA PHE A 337 2.90 27.22 1.82
C PHE A 337 3.98 26.68 2.73
N GLN A 338 5.05 27.47 2.91
CA GLN A 338 6.10 27.06 3.85
C GLN A 338 6.73 28.30 4.49
N PHE A 339 7.36 28.06 5.64
CA PHE A 339 8.15 29.09 6.28
C PHE A 339 9.57 29.05 5.75
N VAL A 340 10.14 30.22 5.53
CA VAL A 340 11.53 30.37 5.11
C VAL A 340 12.24 31.10 6.24
N CYS A 341 13.13 30.42 6.96
CA CYS A 341 13.81 31.01 8.11
C CYS A 341 15.24 31.37 7.75
N ALA A 342 15.78 32.38 8.43
CA ALA A 342 17.12 32.85 8.12
C ALA A 342 18.14 31.72 8.21
N ASP A 343 18.01 30.85 9.21
CA ASP A 343 18.94 29.75 9.41
C ASP A 343 18.30 28.72 10.33
N ASP A 344 19.06 27.68 10.65
CA ASP A 344 18.50 26.56 11.40
C ASP A 344 18.27 26.90 12.87
N GLU A 345 19.06 27.79 13.45
CA GLU A 345 18.79 28.22 14.82
C GLU A 345 17.46 28.97 14.90
N VAL A 346 17.19 29.85 13.94
CA VAL A 346 15.91 30.54 13.88
C VAL A 346 14.77 29.52 13.69
N ALA A 347 14.94 28.58 12.76
CA ALA A 347 13.89 27.61 12.52
C ALA A 347 13.61 26.76 13.76
N ASP A 348 14.65 26.31 14.45
CA ASP A 348 14.46 25.54 15.67
C ASP A 348 13.69 26.35 16.71
N ALA A 349 14.06 27.62 16.89
CA ALA A 349 13.36 28.49 17.84
C ALA A 349 11.92 28.74 17.42
N PHE A 350 11.70 28.94 16.12
CA PHE A 350 10.34 29.11 15.63
C PHE A 350 9.52 27.85 15.89
N HIS A 351 10.07 26.67 15.62
CA HIS A 351 9.29 25.47 15.83
C HIS A 351 8.96 25.24 17.29
N ALA A 352 9.90 25.53 18.19
CA ALA A 352 9.61 25.37 19.62
C ALA A 352 8.55 26.37 20.07
N ALA A 353 8.65 27.63 19.60
CA ALA A 353 7.64 28.63 19.96
C ALA A 353 6.28 28.27 19.38
N ALA A 354 6.25 27.75 18.16
CA ALA A 354 4.96 27.39 17.57
C ALA A 354 4.29 26.26 18.34
N ALA A 355 5.05 25.22 18.70
CA ALA A 355 4.48 24.12 19.48
C ALA A 355 3.98 24.62 20.84
N ALA A 356 4.71 25.56 21.45
CA ALA A 356 4.27 26.10 22.74
C ALA A 356 2.91 26.79 22.65
N GLU A 357 2.52 27.29 21.48
CA GLU A 357 1.23 27.91 21.29
C GLU A 357 0.20 26.96 20.70
N GLY A 358 0.56 25.70 20.48
CA GLY A 358 -0.39 24.78 19.92
C GLY A 358 -0.60 24.90 18.43
N LEU A 359 0.37 25.43 17.70
CA LEU A 359 0.34 25.36 16.24
C LEU A 359 1.12 24.11 15.82
N LEU A 360 0.47 23.23 15.04
CA LEU A 360 1.07 21.98 14.59
C LEU A 360 1.50 22.18 13.14
N PHE A 361 2.77 22.47 12.96
CA PHE A 361 3.34 22.66 11.64
C PHE A 361 4.09 21.40 11.23
N PHE A 362 4.10 21.14 9.92
CA PHE A 362 4.97 20.14 9.32
C PHE A 362 6.35 20.77 9.26
N GLU A 363 7.20 20.46 10.22
CA GLU A 363 8.41 21.25 10.45
C GLU A 363 9.40 21.13 9.29
N GLY A 364 9.82 22.28 8.77
CA GLY A 364 10.75 22.34 7.65
C GLY A 364 10.18 21.92 6.31
N ASP A 365 8.88 21.74 6.20
CA ASP A 365 8.27 21.27 4.97
C ASP A 365 7.06 22.17 4.70
N ASN A 366 6.11 21.70 3.90
CA ASN A 366 5.01 22.56 3.51
C ASN A 366 3.82 22.41 4.43
N GLN A 367 3.10 23.52 4.62
CA GLN A 367 1.85 23.54 5.36
C GLN A 367 0.68 23.47 4.38
N THR A 368 -0.32 22.65 4.72
CA THR A 368 -1.46 22.40 3.83
C THR A 368 -2.73 22.44 4.66
N PRO A 369 -3.35 23.61 4.80
CA PRO A 369 -4.63 23.69 5.53
C PRO A 369 -5.70 22.84 4.86
N SER A 370 -6.70 22.45 5.66
CA SER A 370 -7.86 21.74 5.17
C SER A 370 -9.03 22.70 5.07
N ALA A 371 -10.13 22.21 4.47
CA ALA A 371 -11.32 23.03 4.35
C ALA A 371 -11.97 23.32 5.70
N ALA A 372 -11.55 22.66 6.77
CA ALA A 372 -12.01 23.01 8.11
C ALA A 372 -11.27 24.22 8.67
N PHE A 373 -10.29 24.76 7.94
CA PHE A 373 -9.58 25.97 8.34
C PHE A 373 -10.45 27.18 7.97
N THR A 374 -11.50 27.37 8.76
CA THR A 374 -12.48 28.42 8.53
C THR A 374 -12.02 29.74 9.15
N ASP A 375 -12.80 30.80 8.91
CA ASP A 375 -12.43 32.13 9.41
C ASP A 375 -12.26 32.14 10.92
N GLU A 376 -13.09 31.39 11.65
CA GLU A 376 -12.93 31.35 13.10
C GLU A 376 -11.61 30.67 13.48
N VAL A 377 -11.20 29.65 12.71
CA VAL A 377 -9.92 29.01 12.96
C VAL A 377 -8.78 29.93 12.54
N VAL A 378 -8.96 30.65 11.44
CA VAL A 378 -7.96 31.62 10.99
C VAL A 378 -7.68 32.63 12.09
N GLU A 379 -8.73 33.15 12.73
CA GLU A 379 -8.56 34.14 13.79
C GLU A 379 -7.82 33.57 14.99
N ASP A 380 -8.17 32.34 15.40
CA ASP A 380 -7.44 31.66 16.47
C ASP A 380 -5.98 31.50 16.09
N ALA A 381 -5.72 31.03 14.86
CA ALA A 381 -4.33 30.78 14.47
C ALA A 381 -3.51 32.07 14.43
N CYS A 382 -4.14 33.17 13.99
CA CYS A 382 -3.45 34.45 13.96
C CYS A 382 -3.07 34.92 15.36
N GLY A 383 -3.95 34.71 16.35
CA GLY A 383 -3.58 35.05 17.72
C GLY A 383 -2.42 34.21 18.24
N ARG A 384 -2.40 32.93 17.89
CA ARG A 384 -1.27 32.11 18.29
C ARG A 384 0.03 32.60 17.63
N ILE A 385 -0.05 32.99 16.36
CA ILE A 385 1.14 33.47 15.66
C ILE A 385 1.62 34.79 16.28
N ASP A 386 0.70 35.60 16.79
CA ASP A 386 1.13 36.82 17.48
C ASP A 386 1.98 36.47 18.69
N ARG A 387 1.60 35.40 19.39
CA ARG A 387 2.37 34.98 20.54
C ARG A 387 3.68 34.33 20.13
N VAL A 388 3.70 33.62 19.00
CA VAL A 388 4.97 33.12 18.46
C VAL A 388 5.90 34.29 18.14
N SER A 389 5.40 35.30 17.44
CA SER A 389 6.22 36.46 17.11
C SER A 389 6.74 37.17 18.36
N ALA A 390 5.89 37.35 19.37
CA ALA A 390 6.34 37.92 20.64
C ALA A 390 7.47 37.12 21.26
N ALA A 391 7.36 35.78 21.25
CA ALA A 391 8.40 34.94 21.85
C ALA A 391 9.72 35.05 21.10
N LEU A 392 9.67 35.32 19.79
CA LEU A 392 10.89 35.42 19.01
C LEU A 392 11.44 36.83 18.91
N THR A 393 10.64 37.85 19.24
CA THR A 393 11.10 39.22 19.06
C THR A 393 12.34 39.51 19.89
N GLY A 394 13.33 40.13 19.26
CA GLY A 394 14.56 40.52 19.92
C GLY A 394 15.64 39.47 19.94
N ARG A 395 15.35 38.23 19.52
CA ARG A 395 16.36 37.19 19.58
C ARG A 395 17.24 37.18 18.34
N PHE A 396 16.67 37.45 17.17
CA PHE A 396 17.36 37.27 15.90
C PHE A 396 17.25 38.49 15.00
N THR A 397 17.11 39.68 15.60
CA THR A 397 16.83 40.89 14.82
C THR A 397 17.95 41.24 13.87
N ASP A 398 19.19 40.89 14.20
CA ASP A 398 20.32 41.27 13.36
C ASP A 398 20.58 40.28 12.22
N ARG A 399 19.76 39.24 12.09
CA ARG A 399 19.90 38.27 11.01
C ARG A 399 18.93 38.59 9.89
N GLU A 400 19.30 38.19 8.67
CA GLU A 400 18.49 38.44 7.50
C GLU A 400 18.38 37.17 6.66
N LEU A 401 17.26 37.06 5.95
CA LEU A 401 17.15 36.05 4.91
C LEU A 401 18.18 36.32 3.83
N THR A 402 18.93 35.30 3.45
CA THR A 402 19.84 35.34 2.32
C THR A 402 19.33 34.42 1.21
N GLU A 403 20.01 34.46 0.07
CA GLU A 403 19.77 33.45 -0.95
C GLU A 403 20.00 32.05 -0.41
N GLU A 404 20.96 31.89 0.50
CA GLU A 404 21.20 30.58 1.12
C GLU A 404 19.99 30.14 1.93
N SER A 405 19.31 31.06 2.61
CA SER A 405 18.10 30.72 3.35
C SER A 405 17.03 30.20 2.42
N TRP A 406 16.85 30.86 1.26
CA TRP A 406 15.81 30.46 0.34
C TRP A 406 16.09 29.09 -0.28
N TYR A 407 17.35 28.84 -0.66
CA TYR A 407 17.66 27.54 -1.23
C TYR A 407 17.50 26.42 -0.19
N ALA A 408 17.95 26.67 1.05
CA ALA A 408 17.85 25.64 2.09
C ALA A 408 16.39 25.34 2.42
N SER A 409 15.56 26.37 2.53
CA SER A 409 14.15 26.14 2.84
C SER A 409 13.44 25.42 1.71
N ALA A 410 13.65 25.87 0.47
CA ALA A 410 13.03 25.21 -0.67
C ALA A 410 13.44 23.75 -0.75
N TRP A 411 14.72 23.47 -0.52
CA TRP A 411 15.25 22.11 -0.61
C TRP A 411 14.49 21.16 0.31
N GLY A 412 14.22 21.60 1.55
CA GLY A 412 13.50 20.75 2.47
C GLY A 412 12.08 20.46 2.05
N ALA A 413 11.43 21.41 1.40
CA ALA A 413 10.01 21.29 1.11
C ALA A 413 9.71 20.69 -0.27
N MET A 414 10.49 21.03 -1.30
CA MET A 414 10.21 20.48 -2.62
C MET A 414 11.32 19.59 -3.15
N ASP A 415 12.38 19.37 -2.36
CA ASP A 415 13.34 18.30 -2.59
C ASP A 415 14.21 18.55 -3.82
N GLY A 416 14.42 19.81 -4.15
CA GLY A 416 15.35 20.16 -5.19
C GLY A 416 15.74 21.63 -5.12
N LEU A 417 16.21 22.16 -6.26
CA LEU A 417 16.69 23.53 -6.35
C LEU A 417 15.59 24.50 -6.74
N ALA A 418 15.49 25.59 -5.99
CA ALA A 418 14.56 26.65 -6.34
C ALA A 418 14.96 27.27 -7.67
N ASP A 419 13.97 27.86 -8.35
CA ASP A 419 14.21 28.44 -9.68
C ASP A 419 14.68 29.87 -9.52
N ARG A 420 15.95 30.00 -9.19
CA ARG A 420 16.61 31.30 -9.10
C ARG A 420 17.79 31.33 -10.04
N PRO A 421 18.14 32.50 -10.61
CA PRO A 421 19.21 32.56 -11.61
C PRO A 421 20.55 32.10 -11.05
N ARG A 422 21.24 31.26 -11.82
CA ARG A 422 22.54 30.77 -11.39
C ARG A 422 23.26 30.11 -12.56
N THR A 423 24.59 30.07 -12.46
CA THR A 423 25.41 29.40 -13.45
C THR A 423 25.51 27.91 -13.14
N ARG A 424 26.23 27.19 -13.99
CA ARG A 424 26.42 25.76 -13.78
C ARG A 424 27.34 25.47 -12.59
N GLU A 425 28.32 26.35 -12.36
CA GLU A 425 29.22 26.19 -11.23
C GLU A 425 28.58 26.60 -9.91
N GLU A 426 27.67 27.57 -9.95
CA GLU A 426 26.91 27.90 -8.74
C GLU A 426 25.97 26.76 -8.37
N THR A 427 25.40 26.09 -9.37
CA THR A 427 24.58 24.91 -9.11
C THR A 427 25.38 23.85 -8.37
N THR A 428 26.59 23.54 -8.87
CA THR A 428 27.44 22.56 -8.20
C THR A 428 27.71 22.97 -6.76
N ALA A 429 27.91 24.27 -6.52
CA ALA A 429 28.23 24.73 -5.18
C ALA A 429 27.03 24.64 -4.25
N ILE A 430 25.85 25.06 -4.71
CA ILE A 430 24.67 24.93 -3.87
C ILE A 430 24.43 23.46 -3.53
N VAL A 431 24.57 22.58 -4.51
CA VAL A 431 24.28 21.17 -4.28
C VAL A 431 25.27 20.58 -3.29
N GLU A 432 26.52 21.03 -3.34
CA GLU A 432 27.53 20.55 -2.40
C GLU A 432 27.21 20.96 -0.98
N ARG A 433 26.58 22.13 -0.80
CA ARG A 433 26.18 22.53 0.55
C ARG A 433 24.97 21.74 1.04
N LEU A 434 24.01 21.48 0.17
CA LEU A 434 22.72 20.97 0.60
C LEU A 434 22.59 19.46 0.51
N TRP A 435 23.38 18.80 -0.33
CA TRP A 435 23.24 17.37 -0.51
C TRP A 435 23.61 16.66 0.79
N GLU A 436 22.72 15.77 1.26
CA GLU A 436 22.85 15.14 2.55
C GLU A 436 23.49 13.77 2.45
N LYS B 29 -13.12 -1.06 -20.10
CA LYS B 29 -12.22 -0.35 -21.01
C LYS B 29 -11.33 0.65 -20.27
N LEU B 30 -11.88 1.20 -19.18
CA LEU B 30 -11.21 2.27 -18.46
C LEU B 30 -10.04 1.75 -17.64
N LEU B 31 -10.18 0.56 -17.06
CA LEU B 31 -9.26 0.09 -16.02
C LEU B 31 -8.01 -0.53 -16.64
N ALA B 32 -6.84 0.00 -16.27
CA ALA B 32 -5.57 -0.49 -16.80
C ALA B 32 -5.09 -1.74 -16.10
N GLN B 33 -5.61 -2.04 -14.93
CA GLN B 33 -5.19 -3.21 -14.16
C GLN B 33 -6.16 -4.36 -14.39
N GLU B 34 -5.76 -5.54 -13.93
CA GLU B 34 -6.59 -6.74 -14.04
C GLU B 34 -6.71 -7.36 -12.66
N PRO B 35 -7.52 -6.78 -11.79
CA PRO B 35 -7.58 -7.27 -10.40
C PRO B 35 -8.17 -8.67 -10.36
N THR B 36 -7.64 -9.49 -9.45
CA THR B 36 -8.19 -10.81 -9.22
C THR B 36 -9.52 -10.71 -8.49
N CYS B 37 -10.54 -11.38 -9.02
CA CYS B 37 -11.88 -11.27 -8.44
C CYS B 37 -12.74 -12.40 -9.00
N PRO B 38 -13.92 -12.67 -8.43
CA PRO B 38 -14.78 -13.70 -9.04
C PRO B 38 -15.25 -13.25 -10.40
N ARG B 39 -15.20 -14.18 -11.35
CA ARG B 39 -15.56 -13.88 -12.73
C ARG B 39 -16.51 -14.97 -13.23
N ASP B 40 -17.42 -14.58 -14.12
CA ASP B 40 -18.39 -15.53 -14.68
C ASP B 40 -17.69 -16.40 -15.73
N ALA B 41 -18.47 -17.23 -16.42
CA ALA B 41 -17.86 -18.16 -17.37
C ALA B 41 -17.21 -17.45 -18.53
N ASP B 42 -17.66 -16.24 -18.87
CA ASP B 42 -17.10 -15.45 -19.97
C ASP B 42 -16.04 -14.46 -19.52
N GLY B 43 -15.57 -14.54 -18.27
CA GLY B 43 -14.46 -13.75 -17.82
C GLY B 43 -14.80 -12.40 -17.20
N ARG B 44 -16.09 -11.97 -17.23
CA ARG B 44 -16.43 -10.65 -16.69
C ARG B 44 -16.63 -10.73 -15.17
N PRO B 45 -16.15 -9.73 -14.42
CA PRO B 45 -16.26 -9.79 -12.95
C PRO B 45 -17.71 -9.90 -12.49
N ARG B 46 -17.94 -10.81 -11.55
CA ARG B 46 -19.25 -10.91 -10.92
C ARG B 46 -19.46 -9.69 -10.03
N VAL B 47 -20.62 -9.04 -10.17
CA VAL B 47 -20.92 -7.85 -9.38
C VAL B 47 -21.70 -8.28 -8.14
N PHE B 48 -21.27 -7.80 -6.98
CA PHE B 48 -22.01 -7.97 -5.75
C PHE B 48 -22.21 -6.59 -5.12
N VAL B 49 -23.45 -6.31 -4.74
CA VAL B 49 -23.81 -4.95 -4.33
C VAL B 49 -23.85 -4.77 -2.82
N GLU B 50 -23.81 -5.84 -2.05
CA GLU B 50 -23.80 -5.71 -0.60
C GLU B 50 -23.41 -7.06 0.01
N GLY B 51 -23.00 -7.01 1.26
CA GLY B 51 -22.62 -8.23 1.94
C GLY B 51 -22.70 -8.05 3.43
N SER B 52 -22.93 -9.17 4.12
CA SER B 52 -22.97 -9.14 5.56
C SER B 52 -22.74 -10.55 6.07
N GLY B 53 -21.79 -10.70 7.00
CA GLY B 53 -21.46 -11.98 7.55
C GLY B 53 -20.85 -12.87 6.49
N ALA B 54 -21.57 -13.94 6.14
CA ALA B 54 -21.10 -14.89 5.15
C ALA B 54 -21.85 -14.78 3.83
N TYR B 55 -22.82 -13.89 3.72
CA TYR B 55 -23.69 -13.79 2.54
C TYR B 55 -23.41 -12.53 1.73
N LEU B 56 -23.38 -12.71 0.41
CA LEU B 56 -23.25 -11.65 -0.58
C LEU B 56 -24.55 -11.58 -1.39
N THR B 57 -24.96 -10.38 -1.78
CA THR B 57 -26.15 -10.19 -2.60
C THR B 57 -25.79 -9.65 -3.96
N ASP B 58 -26.23 -10.32 -5.02
CA ASP B 58 -25.95 -9.89 -6.38
C ASP B 58 -27.02 -8.92 -6.86
N PRO B 59 -26.83 -8.29 -8.03
CA PRO B 59 -27.79 -7.27 -8.48
C PRO B 59 -29.22 -7.78 -8.59
N ASP B 60 -29.43 -9.07 -8.81
CA ASP B 60 -30.78 -9.63 -8.92
C ASP B 60 -31.38 -10.02 -7.58
N GLY B 61 -30.67 -9.76 -6.47
CA GLY B 61 -31.16 -10.09 -5.15
C GLY B 61 -30.80 -11.47 -4.66
N ARG B 62 -30.09 -12.27 -5.44
CA ARG B 62 -29.76 -13.62 -5.03
C ARG B 62 -28.62 -13.61 -4.02
N ARG B 63 -28.74 -14.44 -2.98
CA ARG B 63 -27.78 -14.48 -1.88
C ARG B 63 -26.80 -15.64 -2.07
N TRP B 64 -25.50 -15.32 -1.97
CA TRP B 64 -24.44 -16.31 -2.13
C TRP B 64 -23.66 -16.44 -0.84
N ILE B 65 -23.09 -17.63 -0.61
CA ILE B 65 -22.24 -17.85 0.55
C ILE B 65 -20.80 -17.63 0.13
N ASP B 66 -20.08 -16.74 0.82
CA ASP B 66 -18.73 -16.35 0.42
C ASP B 66 -17.69 -17.26 1.08
N PHE B 67 -16.92 -17.97 0.24
CA PHE B 67 -15.74 -18.72 0.69
C PHE B 67 -14.43 -18.06 0.24
N ASP B 68 -14.50 -17.05 -0.63
CA ASP B 68 -13.36 -16.29 -1.10
C ASP B 68 -12.94 -15.26 -0.04
N ASN B 69 -13.89 -14.43 0.40
CA ASN B 69 -13.69 -13.54 1.55
C ASN B 69 -12.50 -12.60 1.32
N ALA B 70 -12.52 -11.91 0.19
CA ALA B 70 -11.47 -10.98 -0.19
C ALA B 70 -10.12 -11.69 -0.18
N ARG B 71 -10.10 -12.85 -0.83
CA ARG B 71 -8.89 -13.67 -0.96
C ARG B 71 -8.34 -14.08 0.38
N GLY B 72 -9.20 -14.29 1.38
CA GLY B 72 -8.77 -14.69 2.69
C GLY B 72 -8.50 -13.57 3.68
N SER B 73 -8.79 -12.31 3.33
CA SER B 73 -8.51 -11.24 4.29
C SER B 73 -9.69 -10.93 5.19
N VAL B 74 -10.90 -11.34 4.83
CA VAL B 74 -12.05 -11.13 5.71
C VAL B 74 -12.18 -12.41 6.54
N VAL B 75 -11.59 -12.39 7.75
CA VAL B 75 -11.57 -13.58 8.60
C VAL B 75 -12.63 -13.51 9.69
N LEU B 76 -13.16 -12.32 9.99
CA LEU B 76 -14.21 -12.23 10.99
C LEU B 76 -15.59 -12.21 10.35
N GLY B 77 -15.72 -11.77 9.11
CA GLY B 77 -17.00 -11.71 8.43
C GLY B 77 -17.21 -10.31 7.89
N HIS B 78 -17.91 -10.22 6.77
CA HIS B 78 -18.21 -8.92 6.18
C HIS B 78 -19.07 -8.10 7.13
N GLY B 79 -18.69 -6.84 7.31
CA GLY B 79 -19.48 -5.96 8.16
C GLY B 79 -19.51 -6.33 9.62
N ASP B 80 -18.54 -7.12 10.09
CA ASP B 80 -18.42 -7.45 11.51
C ASP B 80 -18.70 -6.23 12.37
N GLU B 81 -19.68 -6.36 13.25
CA GLU B 81 -20.15 -5.25 14.08
C GLU B 81 -19.10 -4.52 14.91
N GLU B 82 -18.31 -5.26 15.65
CA GLU B 82 -17.31 -4.61 16.51
C GLU B 82 -16.29 -3.85 15.68
N VAL B 83 -15.83 -4.45 14.57
CA VAL B 83 -14.90 -3.74 13.72
C VAL B 83 -15.58 -2.51 13.11
N ALA B 84 -16.83 -2.67 12.66
CA ALA B 84 -17.51 -1.55 12.01
C ALA B 84 -17.68 -0.37 12.96
N GLU B 85 -18.02 -0.64 14.22
CA GLU B 85 -18.18 0.45 15.18
C GLU B 85 -16.85 1.14 15.47
N ALA B 86 -15.77 0.37 15.51
CA ALA B 86 -14.43 0.95 15.70
C ALA B 86 -14.04 1.80 14.50
N ILE B 87 -14.32 1.30 13.29
CA ILE B 87 -13.99 2.06 12.09
C ILE B 87 -14.79 3.36 12.04
N ALA B 88 -16.07 3.33 12.43
CA ALA B 88 -16.88 4.54 12.37
C ALA B 88 -16.39 5.59 13.35
N ARG B 89 -16.02 5.17 14.57
CA ARG B 89 -15.48 6.13 15.52
C ARG B 89 -14.16 6.72 15.01
N ALA B 90 -13.32 5.88 14.41
CA ALA B 90 -12.07 6.39 13.86
C ALA B 90 -12.30 7.34 12.70
N ALA B 91 -13.32 7.09 11.87
CA ALA B 91 -13.63 8.02 10.80
C ALA B 91 -14.14 9.36 11.33
N ARG B 92 -14.61 9.40 12.58
CA ARG B 92 -15.05 10.65 13.18
C ARG B 92 -13.97 11.29 14.05
N GLY B 93 -12.73 10.83 13.95
CA GLY B 93 -11.64 11.47 14.65
C GLY B 93 -11.52 11.12 16.11
N ARG B 94 -12.31 10.16 16.61
CA ARG B 94 -12.36 9.87 18.03
C ARG B 94 -11.17 9.06 18.53
N SER B 95 -10.40 8.43 17.65
CA SER B 95 -9.31 7.58 18.13
C SER B 95 -8.01 7.90 17.39
N GLY B 96 -7.71 9.18 17.26
CA GLY B 96 -6.46 9.62 16.66
C GLY B 96 -6.70 10.24 15.30
N VAL B 97 -5.64 10.86 14.79
CA VAL B 97 -5.66 11.50 13.48
C VAL B 97 -4.46 11.00 12.70
N GLY B 98 -4.57 11.07 11.37
CA GLY B 98 -3.49 10.65 10.49
C GLY B 98 -2.24 11.50 10.59
N THR B 99 -2.35 12.68 11.20
CA THR B 99 -1.18 13.53 11.37
C THR B 99 -0.13 12.91 12.29
N ALA B 100 -0.53 12.11 13.28
CA ALA B 100 0.37 11.88 14.41
C ALA B 100 0.20 10.50 15.01
N TRP B 101 1.23 10.10 15.74
CA TRP B 101 1.16 8.93 16.60
C TRP B 101 -0.12 8.93 17.44
N SER B 102 -0.81 7.81 17.45
CA SER B 102 -2.07 7.70 18.17
C SER B 102 -1.91 6.82 19.40
N PRO B 103 -2.83 6.93 20.37
CA PRO B 103 -2.70 6.11 21.59
C PRO B 103 -2.72 4.61 21.34
N VAL B 104 -3.35 4.13 20.26
CA VAL B 104 -3.50 2.68 20.08
C VAL B 104 -2.34 2.02 19.34
N LEU B 105 -1.44 2.79 18.72
CA LEU B 105 -0.39 2.18 17.91
C LEU B 105 0.56 1.32 18.76
N ASP B 106 0.90 1.79 19.97
CA ASP B 106 1.82 1.01 20.78
C ASP B 106 1.26 -0.37 21.09
N SER B 107 -0.06 -0.47 21.29
CA SER B 107 -0.68 -1.76 21.62
C SER B 107 -0.72 -2.67 20.41
N LEU B 108 -0.85 -2.09 19.22
CA LEU B 108 -0.76 -2.89 17.99
C LEU B 108 0.64 -3.47 17.82
N LEU B 109 1.67 -2.61 17.90
CA LEU B 109 3.04 -3.09 17.75
C LEU B 109 3.40 -4.11 18.82
N GLY B 110 3.00 -3.84 20.07
CA GLY B 110 3.30 -4.75 21.15
C GLY B 110 2.65 -6.11 20.98
N GLN B 111 1.39 -6.15 20.56
CA GLN B 111 0.72 -7.44 20.41
C GLN B 111 1.25 -8.21 19.21
N LEU B 112 1.56 -7.53 18.10
CA LEU B 112 2.24 -8.20 17.00
C LEU B 112 3.51 -8.90 17.47
N GLN B 113 4.32 -8.19 18.27
CA GLN B 113 5.56 -8.80 18.76
C GLN B 113 5.28 -9.97 19.70
N GLU B 114 4.27 -9.85 20.56
CA GLU B 114 3.92 -10.95 21.46
C GLU B 114 3.45 -12.18 20.69
N VAL B 115 2.67 -11.99 19.63
CA VAL B 115 2.08 -13.12 18.92
C VAL B 115 3.09 -13.77 17.97
N CYS B 116 3.89 -12.95 17.27
CA CYS B 116 4.72 -13.42 16.19
C CYS B 116 6.21 -13.50 16.53
N GLY B 117 6.66 -12.90 17.63
CA GLY B 117 8.07 -12.85 17.96
C GLY B 117 8.83 -11.77 17.18
N GLY B 118 10.13 -11.70 17.43
CA GLY B 118 11.03 -10.81 16.72
C GLY B 118 11.50 -9.64 17.58
N ASP B 119 12.62 -9.02 17.15
CA ASP B 119 13.18 -7.85 17.84
C ASP B 119 12.40 -6.59 17.55
N VAL B 120 12.01 -6.38 16.28
CA VAL B 120 11.42 -5.13 15.82
C VAL B 120 10.25 -5.47 14.91
N VAL B 121 9.35 -4.50 14.72
CA VAL B 121 8.16 -4.67 13.90
C VAL B 121 8.03 -3.50 12.94
N GLY B 122 7.28 -3.72 11.85
CA GLY B 122 7.03 -2.66 10.89
C GLY B 122 5.67 -2.86 10.25
N LEU B 123 5.15 -1.78 9.65
CA LEU B 123 3.83 -1.80 9.05
C LEU B 123 3.86 -1.33 7.60
N TYR B 124 2.97 -1.92 6.79
CA TYR B 124 2.81 -1.60 5.38
C TYR B 124 1.34 -1.62 5.03
N ARG B 125 1.02 -1.20 3.80
CA ARG B 125 -0.36 -1.18 3.34
C ARG B 125 -0.75 -2.38 2.49
N THR B 126 0.21 -3.09 1.90
CA THR B 126 -0.09 -4.30 1.14
C THR B 126 0.96 -5.34 1.46
N GLY B 127 0.61 -6.61 1.21
CA GLY B 127 1.60 -7.66 1.29
C GLY B 127 2.73 -7.48 0.27
N THR B 128 2.38 -7.01 -0.93
CA THR B 128 3.39 -6.77 -1.97
C THR B 128 4.44 -5.79 -1.47
N ALA B 129 3.98 -4.69 -0.85
CA ALA B 129 4.91 -3.67 -0.37
C ALA B 129 5.80 -4.24 0.72
N ALA B 130 5.21 -4.98 1.66
CA ALA B 130 5.98 -5.53 2.76
C ALA B 130 7.03 -6.52 2.25
N LEU B 131 6.65 -7.38 1.31
CA LEU B 131 7.59 -8.39 0.81
C LEU B 131 8.75 -7.74 0.08
N ARG B 132 8.49 -6.72 -0.73
CA ARG B 132 9.58 -6.08 -1.45
C ARG B 132 10.51 -5.37 -0.48
N SER B 133 9.93 -4.67 0.50
CA SER B 133 10.74 -3.90 1.45
C SER B 133 11.62 -4.81 2.29
N VAL B 134 11.05 -5.89 2.87
CA VAL B 134 11.90 -6.72 3.73
C VAL B 134 12.91 -7.52 2.92
N THR B 135 12.55 -7.96 1.70
CA THR B 135 13.53 -8.73 0.91
C THR B 135 14.72 -7.86 0.52
N CYS B 136 14.46 -6.63 0.12
CA CYS B 136 15.56 -5.69 -0.15
C CYS B 136 16.36 -5.39 1.10
N ALA B 137 15.69 -5.20 2.24
CA ALA B 137 16.42 -4.93 3.48
C ALA B 137 17.31 -6.09 3.87
N VAL B 138 16.81 -7.32 3.78
CA VAL B 138 17.61 -8.49 4.16
C VAL B 138 18.78 -8.66 3.19
N ARG B 139 18.54 -8.44 1.90
CA ARG B 139 19.61 -8.55 0.92
C ARG B 139 20.72 -7.54 1.21
N ASP B 140 20.32 -6.31 1.54
CA ASP B 140 21.29 -5.26 1.87
C ASP B 140 22.13 -5.63 3.10
N ALA B 141 21.47 -6.10 4.16
CA ALA B 141 22.17 -6.42 5.39
C ALA B 141 23.10 -7.61 5.21
N ARG B 142 22.73 -8.56 4.36
CA ARG B 142 23.55 -9.76 4.17
C ARG B 142 24.68 -9.55 3.18
N ASP B 143 24.65 -8.47 2.40
CA ASP B 143 25.64 -8.18 1.36
C ASP B 143 25.89 -9.39 0.46
N ARG B 144 24.81 -10.06 0.06
CA ARG B 144 24.83 -11.19 -0.85
C ARG B 144 23.73 -11.01 -1.89
N SER B 145 23.94 -11.58 -3.07
CA SER B 145 23.12 -11.21 -4.23
C SER B 145 21.94 -12.13 -4.51
N ILE B 146 21.99 -13.41 -4.12
CA ILE B 146 20.99 -14.40 -4.54
C ILE B 146 19.94 -14.56 -3.44
N VAL B 147 18.66 -14.55 -3.83
CA VAL B 147 17.56 -14.92 -2.94
C VAL B 147 16.83 -16.12 -3.53
N LEU B 148 16.65 -17.17 -2.75
CA LEU B 148 15.90 -18.35 -3.18
C LEU B 148 14.45 -18.20 -2.73
N SER B 149 13.50 -18.48 -3.63
CA SER B 149 12.10 -18.15 -3.38
C SER B 149 11.16 -19.27 -3.80
N SER B 150 10.14 -19.51 -2.98
CA SER B 150 9.01 -20.37 -3.35
C SER B 150 7.72 -19.70 -2.88
N GLY B 151 6.67 -19.83 -3.67
CA GLY B 151 5.39 -19.26 -3.33
C GLY B 151 5.20 -17.88 -3.96
N TYR B 152 3.99 -17.35 -3.82
CA TYR B 152 3.66 -16.04 -4.34
C TYR B 152 3.99 -14.96 -3.32
N HIS B 153 4.58 -13.86 -3.78
CA HIS B 153 5.00 -12.79 -2.86
C HIS B 153 4.43 -11.44 -3.23
N GLY B 154 3.53 -11.37 -4.20
CA GLY B 154 2.91 -10.13 -4.62
C GLY B 154 3.24 -9.81 -6.07
N TYR B 155 2.68 -8.68 -6.53
CA TYR B 155 2.68 -8.35 -7.96
C TYR B 155 3.94 -7.64 -8.45
N ASP B 156 4.86 -7.29 -7.54
CA ASP B 156 5.97 -6.44 -7.94
C ASP B 156 6.83 -7.16 -8.98
N PRO B 157 7.32 -6.43 -10.00
CA PRO B 157 8.12 -7.05 -11.07
C PRO B 157 9.39 -7.73 -10.59
N MET B 158 9.90 -7.41 -9.40
CA MET B 158 11.12 -8.06 -8.94
C MET B 158 11.00 -9.57 -8.89
N TRP B 159 9.78 -10.12 -8.78
CA TRP B 159 9.59 -11.56 -8.72
C TRP B 159 9.37 -12.20 -10.08
N HIS B 160 9.23 -11.43 -11.15
CA HIS B 160 8.94 -12.04 -12.46
C HIS B 160 10.12 -12.88 -12.91
N CYS B 161 9.82 -13.98 -13.59
CA CYS B 161 10.91 -14.74 -14.14
C CYS B 161 10.41 -15.57 -15.30
N ASP B 162 11.33 -15.86 -16.22
CA ASP B 162 11.01 -16.59 -17.44
C ASP B 162 11.12 -18.10 -17.27
N GLU B 163 11.86 -18.56 -16.27
CA GLU B 163 12.02 -19.98 -16.02
C GLU B 163 12.43 -20.22 -14.58
N PRO B 164 12.06 -21.37 -14.02
CA PRO B 164 12.42 -21.64 -12.63
C PRO B 164 13.85 -22.16 -12.53
N PHE B 165 14.34 -22.19 -11.30
CA PHE B 165 15.60 -22.81 -10.91
C PHE B 165 16.83 -22.03 -11.37
N THR B 166 16.67 -20.82 -11.92
CA THR B 166 17.79 -19.99 -12.35
C THR B 166 17.52 -18.54 -11.95
N PRO B 167 18.56 -17.75 -11.69
CA PRO B 167 18.35 -16.36 -11.24
C PRO B 167 17.63 -15.52 -12.29
N ASN B 168 16.62 -14.77 -11.86
CA ASN B 168 16.05 -13.74 -12.72
C ASN B 168 16.96 -12.53 -12.67
N GLN B 169 16.56 -11.42 -13.31
CA GLN B 169 17.49 -10.30 -13.38
C GLN B 169 17.67 -9.60 -12.03
N HIS B 170 16.84 -9.90 -11.03
CA HIS B 170 16.97 -9.33 -9.71
C HIS B 170 17.66 -10.27 -8.73
N GLY B 171 18.23 -11.38 -9.21
CA GLY B 171 18.90 -12.32 -8.34
C GLY B 171 18.00 -13.29 -7.62
N ILE B 172 16.73 -13.38 -8.00
CA ILE B 172 15.76 -14.27 -7.35
C ILE B 172 15.74 -15.59 -8.09
N VAL B 173 15.84 -16.69 -7.36
CA VAL B 173 15.77 -18.06 -7.90
C VAL B 173 14.49 -18.72 -7.39
N GLU B 174 13.56 -18.98 -8.29
CA GLU B 174 12.34 -19.72 -7.97
C GLU B 174 12.66 -21.20 -7.87
N PHE B 175 12.36 -21.85 -6.75
CA PHE B 175 12.66 -23.28 -6.64
C PHE B 175 11.42 -24.13 -6.43
N LEU B 176 10.22 -23.55 -6.51
CA LEU B 176 8.95 -24.28 -6.59
C LEU B 176 8.77 -25.29 -5.45
N PHE B 177 9.33 -24.99 -4.27
CA PHE B 177 9.26 -25.87 -3.10
C PHE B 177 9.95 -27.21 -3.34
N ASP B 178 10.89 -27.28 -4.29
CA ASP B 178 11.61 -28.53 -4.52
C ASP B 178 12.90 -28.51 -3.71
N LEU B 179 13.04 -29.44 -2.77
CA LEU B 179 14.17 -29.40 -1.86
C LEU B 179 15.46 -29.91 -2.48
N ASP B 180 15.39 -30.72 -3.55
CA ASP B 180 16.62 -31.06 -4.27
C ASP B 180 17.25 -29.83 -4.91
N VAL B 181 16.44 -28.98 -5.54
CA VAL B 181 16.97 -27.75 -6.13
C VAL B 181 17.45 -26.80 -5.05
N LEU B 182 16.68 -26.66 -3.97
CA LEU B 182 17.09 -25.81 -2.85
C LEU B 182 18.42 -26.28 -2.29
N ALA B 183 18.55 -27.60 -2.06
CA ALA B 183 19.79 -28.13 -1.50
C ALA B 183 20.98 -27.80 -2.38
N GLU B 184 20.80 -27.86 -3.69
CA GLU B 184 21.88 -27.56 -4.61
C GLU B 184 22.34 -26.12 -4.46
N TRP B 185 21.39 -25.19 -4.46
CA TRP B 185 21.75 -23.78 -4.34
C TRP B 185 22.38 -23.49 -2.99
N LEU B 186 21.92 -24.15 -1.93
CA LEU B 186 22.46 -23.89 -0.61
C LEU B 186 23.82 -24.54 -0.40
N SER B 187 24.24 -25.42 -1.32
CA SER B 187 25.55 -26.03 -1.24
C SER B 187 26.66 -25.07 -1.67
N ARG B 188 26.27 -23.84 -1.99
CA ARG B 188 27.19 -22.74 -2.29
C ARG B 188 26.51 -21.65 -1.48
N PRO B 189 26.60 -21.73 -0.15
CA PRO B 189 25.82 -20.78 0.66
C PRO B 189 26.38 -19.38 0.68
N GLU B 190 27.66 -19.20 0.30
CA GLU B 190 28.33 -17.90 0.40
C GLU B 190 27.55 -16.80 -0.31
N GLN B 191 26.91 -17.12 -1.43
CA GLN B 191 26.20 -16.12 -2.21
C GLN B 191 24.71 -16.00 -1.96
N VAL B 192 24.18 -16.76 -1.01
CA VAL B 192 22.74 -16.76 -0.76
C VAL B 192 22.41 -15.83 0.41
N ALA B 193 21.71 -14.75 0.11
CA ALA B 193 21.29 -13.79 1.11
C ALA B 193 20.19 -14.36 2.02
N ALA B 194 19.18 -15.00 1.45
CA ALA B 194 18.02 -15.43 2.23
C ALA B 194 17.22 -16.42 1.40
N VAL B 195 16.34 -17.13 2.08
CA VAL B 195 15.34 -17.98 1.45
C VAL B 195 13.98 -17.43 1.87
N VAL B 196 13.13 -17.10 0.91
CA VAL B 196 11.79 -16.59 1.21
C VAL B 196 10.77 -17.60 0.71
N ILE B 197 9.89 -18.05 1.61
CA ILE B 197 8.87 -19.00 1.23
C ILE B 197 7.52 -18.56 1.78
N SER B 198 6.48 -18.83 1.00
CA SER B 198 5.11 -18.68 1.47
C SER B 198 4.62 -20.04 1.90
N PRO B 199 4.51 -20.32 3.20
CA PRO B 199 4.30 -21.70 3.63
C PRO B 199 2.91 -22.18 3.26
N ASP B 200 2.86 -23.39 2.74
CA ASP B 200 1.58 -24.03 2.46
C ASP B 200 1.44 -25.23 3.39
N HIS B 201 0.19 -25.52 3.77
CA HIS B 201 -0.05 -26.62 4.67
C HIS B 201 -1.11 -27.58 4.15
N MET B 202 -1.57 -27.40 2.92
CA MET B 202 -2.41 -28.39 2.28
C MET B 202 -1.58 -29.49 1.64
N HIS B 203 -0.42 -29.14 1.10
CA HIS B 203 0.36 -30.07 0.29
C HIS B 203 1.80 -30.25 0.77
N LEU B 204 2.25 -29.46 1.73
CA LEU B 204 3.53 -29.63 2.38
C LEU B 204 3.26 -30.01 3.82
N GLY B 205 3.99 -31.02 4.31
CA GLY B 205 3.79 -31.45 5.68
C GLY B 205 5.03 -31.43 6.55
N GLU B 206 4.94 -32.16 7.66
CA GLU B 206 6.03 -32.24 8.62
C GLU B 206 7.34 -32.63 7.96
N ARG B 207 7.29 -33.60 7.03
CA ARG B 207 8.52 -34.07 6.41
C ARG B 207 9.20 -32.93 5.65
N TRP B 208 8.43 -32.17 4.88
CA TRP B 208 8.99 -31.11 4.05
C TRP B 208 9.59 -30.00 4.91
N TYR B 209 8.85 -29.54 5.93
CA TYR B 209 9.34 -28.43 6.75
C TYR B 209 10.55 -28.83 7.57
N THR B 210 10.59 -30.09 8.05
CA THR B 210 11.75 -30.51 8.81
C THR B 210 13.02 -30.50 7.96
N GLU B 211 12.92 -30.94 6.71
CA GLU B 211 14.07 -30.94 5.82
C GLU B 211 14.40 -29.53 5.32
N PHE B 212 13.37 -28.70 5.08
CA PHE B 212 13.63 -27.32 4.69
C PHE B 212 14.44 -26.62 5.77
N THR B 213 14.02 -26.76 7.02
CA THR B 213 14.71 -26.06 8.09
C THR B 213 16.09 -26.66 8.34
N ARG B 214 16.23 -27.99 8.20
CA ARG B 214 17.55 -28.60 8.30
C ARG B 214 18.51 -28.02 7.27
N LEU B 215 18.06 -27.91 6.01
CA LEU B 215 18.93 -27.39 4.96
C LEU B 215 19.33 -25.95 5.21
N THR B 216 18.37 -25.11 5.60
CA THR B 216 18.68 -23.70 5.76
C THR B 216 19.53 -23.43 7.00
N LYS B 217 19.35 -24.23 8.04
CA LYS B 217 20.18 -24.07 9.23
C LYS B 217 21.61 -24.49 8.87
N GLU B 218 21.77 -25.60 8.15
CA GLU B 218 23.10 -26.05 7.74
C GLU B 218 23.82 -24.98 6.91
N ALA B 219 23.09 -24.30 6.02
CA ALA B 219 23.70 -23.25 5.22
C ALA B 219 23.87 -21.95 5.99
N ASP B 220 23.25 -21.83 7.16
CA ASP B 220 23.26 -20.59 7.95
C ASP B 220 22.67 -19.42 7.18
N VAL B 221 21.57 -19.66 6.47
CA VAL B 221 20.93 -18.67 5.60
C VAL B 221 19.62 -18.27 6.25
N PRO B 222 19.36 -16.97 6.47
CA PRO B 222 18.11 -16.59 7.14
C PRO B 222 16.90 -16.89 6.27
N VAL B 223 15.80 -17.25 6.92
CA VAL B 223 14.55 -17.59 6.27
C VAL B 223 13.58 -16.42 6.45
N ILE B 224 12.97 -15.99 5.36
CA ILE B 224 11.89 -15.00 5.39
C ILE B 224 10.59 -15.79 5.20
N ALA B 225 9.76 -15.80 6.23
CA ALA B 225 8.49 -16.52 6.20
C ALA B 225 7.41 -15.56 5.74
N ASP B 226 7.00 -15.70 4.48
CA ASP B 226 5.91 -14.90 3.92
C ASP B 226 4.61 -15.57 4.35
N GLU B 227 4.13 -15.14 5.52
CA GLU B 227 2.87 -15.63 6.08
C GLU B 227 1.73 -14.64 5.86
N VAL B 228 1.76 -13.92 4.74
CA VAL B 228 0.66 -13.01 4.40
C VAL B 228 -0.67 -13.75 4.45
N LYS B 229 -0.70 -14.99 3.99
CA LYS B 229 -1.95 -15.74 3.96
C LYS B 229 -2.15 -16.63 5.18
N VAL B 230 -1.09 -17.25 5.69
CA VAL B 230 -1.24 -18.27 6.71
C VAL B 230 -0.87 -17.79 8.11
N GLY B 231 -0.31 -16.59 8.25
CA GLY B 231 -0.01 -16.07 9.57
C GLY B 231 -1.29 -15.72 10.30
N LEU B 232 -1.48 -16.28 11.49
CA LEU B 232 -2.68 -16.21 12.33
C LEU B 232 -3.86 -16.96 11.73
N ARG B 233 -3.66 -17.72 10.65
CA ARG B 233 -4.77 -18.39 9.99
C ARG B 233 -5.27 -19.59 10.80
N TYR B 234 -4.34 -20.31 11.41
CA TYR B 234 -4.63 -21.60 12.00
C TYR B 234 -4.65 -21.55 13.51
N ARG B 235 -4.08 -20.51 14.11
CA ARG B 235 -3.94 -20.39 15.55
C ARG B 235 -3.45 -18.97 15.81
N ALA B 236 -3.24 -18.64 17.08
CA ALA B 236 -2.74 -17.30 17.45
C ALA B 236 -1.22 -17.28 17.35
N GLY B 237 -0.74 -17.31 16.11
CA GLY B 237 0.68 -17.35 15.87
C GLY B 237 0.96 -17.70 14.42
N LEU B 238 2.25 -17.88 14.12
CA LEU B 238 2.63 -18.28 12.78
C LEU B 238 2.22 -19.74 12.53
N SER B 239 2.35 -20.16 11.28
CA SER B 239 1.64 -21.33 10.83
C SER B 239 2.31 -22.65 11.21
N THR B 240 3.61 -22.65 11.51
CA THR B 240 4.21 -23.94 11.90
C THR B 240 5.43 -23.71 12.80
N PRO B 241 5.52 -24.43 13.92
CA PRO B 241 6.73 -24.30 14.75
C PRO B 241 7.95 -25.00 14.16
N LEU B 242 7.80 -25.71 13.03
CA LEU B 242 8.95 -26.32 12.37
C LEU B 242 9.77 -25.33 11.55
N LEU B 243 9.26 -24.12 11.31
CA LEU B 243 10.04 -23.05 10.70
C LEU B 243 10.63 -22.15 11.77
N ASP B 244 11.83 -21.65 11.51
CA ASP B 244 12.51 -20.73 12.42
C ASP B 244 12.85 -19.47 11.62
N PRO B 245 11.87 -18.58 11.40
CA PRO B 245 12.12 -17.45 10.51
C PRO B 245 12.91 -16.34 11.21
N ALA B 246 13.86 -15.80 10.45
CA ALA B 246 14.53 -14.58 10.87
C ALA B 246 13.61 -13.37 10.69
N VAL B 247 12.73 -13.41 9.70
CA VAL B 247 11.78 -12.33 9.42
C VAL B 247 10.45 -12.97 9.06
N TRP B 248 9.35 -12.36 9.49
CA TRP B 248 8.00 -12.81 9.14
C TRP B 248 7.20 -11.64 8.58
N ILE B 249 6.18 -11.97 7.79
CA ILE B 249 5.21 -11.01 7.28
C ILE B 249 3.82 -11.63 7.48
N VAL B 250 2.89 -10.86 8.04
CA VAL B 250 1.47 -11.25 8.08
C VAL B 250 0.62 -10.11 7.52
N ALA B 251 -0.59 -10.46 7.05
CA ALA B 251 -1.46 -9.39 6.56
C ALA B 251 -2.93 -9.79 6.50
N LYS B 252 -3.26 -10.85 5.75
CA LYS B 252 -4.67 -11.14 5.49
C LYS B 252 -5.47 -11.36 6.77
N CYS B 253 -4.87 -11.95 7.79
CA CYS B 253 -5.62 -12.23 9.01
C CYS B 253 -5.60 -11.08 10.00
N LEU B 254 -5.03 -9.93 9.63
CA LEU B 254 -4.75 -8.87 10.59
C LEU B 254 -5.85 -7.83 10.72
N ALA B 255 -6.64 -7.53 9.68
CA ALA B 255 -7.47 -6.33 9.75
C ALA B 255 -8.84 -6.48 9.10
N ASN B 256 -9.33 -7.72 8.97
CA ASN B 256 -10.64 -8.03 8.39
C ASN B 256 -10.85 -7.36 7.04
N GLY B 257 -9.78 -7.27 6.25
CA GLY B 257 -9.86 -6.76 4.89
C GLY B 257 -9.36 -5.34 4.71
N SER B 258 -9.23 -4.57 5.78
CA SER B 258 -8.64 -3.26 5.64
C SER B 258 -7.15 -3.41 5.29
N PRO B 259 -6.55 -2.38 4.68
CA PRO B 259 -5.22 -2.58 4.08
C PRO B 259 -4.07 -2.38 5.06
N VAL B 260 -3.71 -3.46 5.75
CA VAL B 260 -2.65 -3.45 6.76
C VAL B 260 -1.86 -4.74 6.64
N ALA B 261 -0.54 -4.63 6.56
CA ALA B 261 0.38 -5.75 6.64
C ALA B 261 1.43 -5.42 7.70
N ALA B 262 1.96 -6.44 8.36
CA ALA B 262 2.95 -6.22 9.40
C ALA B 262 4.15 -7.13 9.13
N VAL B 263 5.34 -6.66 9.53
CA VAL B 263 6.55 -7.47 9.45
C VAL B 263 7.25 -7.42 10.80
N GLY B 264 8.11 -8.41 11.05
CA GLY B 264 8.92 -8.37 12.25
C GLY B 264 10.08 -9.32 12.13
N GLY B 265 11.04 -9.19 13.03
CA GLY B 265 12.16 -10.12 12.96
C GLY B 265 13.42 -9.51 13.53
N ASP B 266 14.55 -10.06 13.04
CA ASP B 266 15.87 -9.71 13.56
C ASP B 266 16.19 -8.25 13.27
N ALA B 267 16.65 -7.52 14.29
CA ALA B 267 16.86 -6.09 14.15
C ALA B 267 17.89 -5.76 13.07
N HIS B 268 18.97 -6.53 12.98
CA HIS B 268 20.00 -6.14 12.02
C HIS B 268 19.57 -6.43 10.59
N LEU B 269 18.75 -7.46 10.38
CA LEU B 269 18.27 -7.76 9.04
C LEU B 269 17.28 -6.72 8.54
N LEU B 270 16.61 -6.00 9.43
CA LEU B 270 15.61 -5.01 9.05
C LEU B 270 16.07 -3.58 9.28
N ALA B 271 17.40 -3.37 9.37
CA ALA B 271 17.94 -2.03 9.59
C ALA B 271 17.46 -1.02 8.53
N ALA B 272 17.41 -1.45 7.27
CA ALA B 272 17.03 -0.53 6.21
C ALA B 272 15.60 -0.04 6.35
N LEU B 273 14.79 -0.66 7.20
CA LEU B 273 13.42 -0.21 7.37
C LEU B 273 13.36 1.17 8.01
N GLU B 274 14.48 1.68 8.54
CA GLU B 274 14.46 3.03 9.10
C GLU B 274 14.12 4.08 8.05
N ASP B 275 14.30 3.75 6.78
CA ASP B 275 14.01 4.67 5.69
C ASP B 275 12.57 4.57 5.17
N VAL B 276 11.76 3.72 5.78
CA VAL B 276 10.38 3.55 5.34
C VAL B 276 9.48 4.52 6.09
N SER B 277 8.74 5.32 5.34
CA SER B 277 7.65 6.14 5.82
C SER B 277 6.68 6.30 4.66
N PHE B 278 5.39 6.39 4.97
CA PHE B 278 4.42 6.71 3.94
C PHE B 278 3.30 7.54 4.55
N THR B 279 2.66 8.32 3.69
CA THR B 279 1.72 9.37 4.10
C THR B 279 0.61 8.84 5.01
N SER B 280 0.03 7.70 4.67
CA SER B 280 -1.13 7.20 5.41
C SER B 280 -0.74 6.35 6.62
N TYR B 281 0.53 6.42 7.07
CA TYR B 281 1.02 5.56 8.13
C TYR B 281 0.09 5.51 9.33
N PHE B 282 -0.43 6.66 9.77
CA PHE B 282 -1.21 6.77 10.99
C PHE B 282 -2.71 6.84 10.73
N GLU B 283 -3.15 6.49 9.52
CA GLU B 283 -4.56 6.63 9.17
C GLU B 283 -5.42 5.87 10.18
N PRO B 284 -6.41 6.51 10.78
CA PRO B 284 -7.06 5.91 11.95
C PRO B 284 -8.02 4.76 11.68
N THR B 285 -8.70 4.71 10.52
CA THR B 285 -9.62 3.58 10.30
C THR B 285 -8.86 2.27 10.12
N ALA B 286 -7.72 2.30 9.44
CA ALA B 286 -6.91 1.09 9.32
C ALA B 286 -6.37 0.67 10.69
N MET B 287 -5.93 1.64 11.48
CA MET B 287 -5.49 1.34 12.83
C MET B 287 -6.62 0.72 13.64
N ALA B 288 -7.84 1.22 13.48
CA ALA B 288 -8.98 0.68 14.24
C ALA B 288 -9.28 -0.74 13.81
N ALA B 289 -9.22 -1.01 12.50
CA ALA B 289 -9.52 -2.35 12.02
C ALA B 289 -8.45 -3.35 12.44
N ALA B 290 -7.18 -2.96 12.35
CA ALA B 290 -6.09 -3.86 12.73
C ALA B 290 -6.12 -4.16 14.23
N THR B 291 -6.22 -3.13 15.06
CA THR B 291 -6.20 -3.38 16.51
C THR B 291 -7.42 -4.20 16.94
N THR B 292 -8.61 -3.85 16.44
CA THR B 292 -9.80 -4.58 16.84
C THR B 292 -9.75 -6.04 16.37
N THR B 293 -9.28 -6.27 15.13
CA THR B 293 -9.20 -7.64 14.61
C THR B 293 -8.11 -8.44 15.33
N LEU B 294 -6.92 -7.84 15.52
CA LEU B 294 -5.82 -8.57 16.14
C LEU B 294 -6.14 -8.99 17.57
N ARG B 295 -6.78 -8.09 18.34
CA ARG B 295 -7.15 -8.45 19.72
C ARG B 295 -7.99 -9.73 19.77
N ARG B 296 -8.81 -9.95 18.74
CA ARG B 296 -9.61 -11.16 18.68
C ARG B 296 -8.85 -12.33 18.09
N MET B 297 -8.16 -12.12 16.96
CA MET B 297 -7.33 -13.19 16.41
C MET B 297 -6.25 -13.67 17.38
N ALA B 298 -5.75 -12.80 18.25
CA ALA B 298 -4.71 -13.20 19.19
C ALA B 298 -5.20 -14.16 20.28
N THR B 299 -6.51 -14.28 20.48
CA THR B 299 -7.05 -15.27 21.42
C THR B 299 -7.12 -16.68 20.84
N GLY B 300 -7.03 -16.85 19.52
CA GLY B 300 -7.23 -18.14 18.90
C GLY B 300 -8.67 -18.56 18.74
N GLU B 301 -9.61 -17.84 19.37
CA GLU B 301 -11.01 -18.28 19.33
C GLU B 301 -11.64 -18.23 17.94
N PRO B 302 -11.41 -17.20 17.10
CA PRO B 302 -11.97 -17.27 15.74
C PRO B 302 -11.41 -18.43 14.93
N GLN B 303 -10.11 -18.69 15.04
CA GLN B 303 -9.54 -19.78 14.24
C GLN B 303 -10.11 -21.13 14.67
N GLN B 304 -10.33 -21.31 15.97
CA GLN B 304 -10.90 -22.57 16.46
C GLN B 304 -12.32 -22.79 15.95
N ALA B 305 -13.12 -21.72 15.90
CA ALA B 305 -14.50 -21.84 15.43
C ALA B 305 -14.55 -22.08 13.93
N ILE B 306 -13.75 -21.33 13.15
CA ILE B 306 -13.68 -21.57 11.71
C ILE B 306 -13.23 -22.99 11.44
N ARG B 307 -12.26 -23.47 12.21
CA ARG B 307 -11.74 -24.82 11.99
C ARG B 307 -12.85 -25.85 12.15
N ALA B 308 -13.63 -25.74 13.23
CA ALA B 308 -14.70 -26.71 13.48
C ALA B 308 -15.77 -26.65 12.38
N ALA B 309 -16.21 -25.43 12.03
CA ALA B 309 -17.28 -25.30 11.04
C ALA B 309 -16.80 -25.71 9.66
N GLY B 310 -15.59 -25.28 9.29
CA GLY B 310 -15.05 -25.67 8.00
C GLY B 310 -14.81 -27.17 7.92
N ASP B 311 -14.33 -27.77 9.02
CA ASP B 311 -14.11 -29.22 9.03
C ASP B 311 -15.43 -29.96 8.77
N ARG B 312 -16.53 -29.49 9.35
CA ARG B 312 -17.83 -30.14 9.11
C ARG B 312 -18.24 -30.03 7.66
N PHE B 313 -18.05 -28.86 7.04
CA PHE B 313 -18.37 -28.68 5.63
C PHE B 313 -17.51 -29.56 4.75
N ILE B 314 -16.23 -29.69 5.08
CA ILE B 314 -15.34 -30.55 4.31
C ILE B 314 -15.79 -32.00 4.39
N ALA B 315 -15.99 -32.50 5.62
CA ALA B 315 -16.42 -33.88 5.81
C ALA B 315 -17.73 -34.16 5.08
N HIS B 316 -18.69 -33.23 5.18
CA HIS B 316 -19.94 -33.40 4.46
C HIS B 316 -19.73 -33.42 2.95
N THR B 317 -18.88 -32.53 2.45
CA THR B 317 -18.68 -32.45 1.00
C THR B 317 -17.90 -33.64 0.50
N ARG B 318 -16.88 -34.07 1.25
CA ARG B 318 -16.11 -35.24 0.82
C ARG B 318 -17.03 -36.46 0.70
N ALA B 319 -17.80 -36.75 1.76
CA ALA B 319 -18.69 -37.91 1.73
C ALA B 319 -19.74 -37.78 0.64
N ALA B 320 -20.26 -36.57 0.43
CA ALA B 320 -21.26 -36.38 -0.63
C ALA B 320 -20.71 -36.81 -1.97
N PHE B 321 -19.54 -36.28 -2.36
CA PHE B 321 -18.97 -36.61 -3.67
C PHE B 321 -18.61 -38.09 -3.77
N ALA B 322 -18.08 -38.67 -2.69
CA ALA B 322 -17.65 -40.07 -2.74
C ALA B 322 -18.83 -41.01 -2.90
N ASN B 323 -19.94 -40.68 -2.25
CA ASN B 323 -21.13 -41.50 -2.35
C ASN B 323 -21.77 -41.39 -3.72
N ALA B 324 -21.63 -40.22 -4.35
CA ALA B 324 -22.20 -39.98 -5.67
C ALA B 324 -21.22 -40.29 -6.80
N GLY B 325 -20.02 -40.72 -6.43
CA GLY B 325 -19.00 -41.05 -7.41
C GLY B 325 -18.46 -39.87 -8.20
N VAL B 326 -18.50 -38.68 -7.60
CA VAL B 326 -17.98 -37.49 -8.26
C VAL B 326 -16.48 -37.53 -7.96
N PRO B 327 -15.65 -37.32 -8.98
CA PRO B 327 -14.20 -37.38 -8.84
C PRO B 327 -13.61 -36.04 -8.39
N ILE B 328 -13.88 -35.67 -7.16
CA ILE B 328 -13.38 -34.43 -6.59
C ILE B 328 -13.13 -34.65 -5.12
N ASP B 329 -11.89 -34.43 -4.70
CA ASP B 329 -11.56 -34.54 -3.28
C ASP B 329 -11.23 -33.14 -2.74
N LEU B 330 -10.86 -33.12 -1.47
CA LEU B 330 -10.51 -31.90 -0.77
C LEU B 330 -9.15 -32.06 -0.12
N ALA B 331 -8.37 -30.99 -0.11
CA ALA B 331 -7.16 -30.92 0.68
C ALA B 331 -7.27 -29.74 1.65
N GLY B 332 -6.51 -29.80 2.73
CA GLY B 332 -6.53 -28.73 3.71
C GLY B 332 -7.42 -29.05 4.90
N ASN B 333 -7.84 -27.99 5.59
CA ASN B 333 -8.69 -28.13 6.76
C ASN B 333 -9.70 -26.98 6.75
N GLY B 334 -10.43 -26.84 7.85
CA GLY B 334 -11.51 -25.89 7.89
C GLY B 334 -11.07 -24.44 7.73
N ASN B 335 -9.86 -24.12 8.19
CA ASN B 335 -9.34 -22.75 8.04
C ASN B 335 -8.99 -22.43 6.59
N LEU B 336 -8.54 -23.42 5.83
CA LEU B 336 -7.99 -23.19 4.50
C LEU B 336 -7.99 -24.52 3.77
N PHE B 337 -8.77 -24.62 2.70
CA PHE B 337 -8.93 -25.89 2.01
C PHE B 337 -9.08 -25.60 0.51
N GLN B 338 -8.97 -26.64 -0.32
CA GLN B 338 -9.17 -26.46 -1.74
C GLN B 338 -9.77 -27.73 -2.33
N PHE B 339 -10.42 -27.57 -3.48
CA PHE B 339 -11.00 -28.68 -4.24
C PHE B 339 -9.95 -29.25 -5.19
N VAL B 340 -9.78 -30.56 -5.18
CA VAL B 340 -8.89 -31.25 -6.11
C VAL B 340 -9.77 -32.03 -7.07
N CYS B 341 -9.83 -31.58 -8.32
CA CYS B 341 -10.64 -32.23 -9.33
C CYS B 341 -9.76 -33.12 -10.20
N ALA B 342 -10.37 -34.15 -10.78
CA ALA B 342 -9.63 -35.08 -11.63
C ALA B 342 -9.07 -34.40 -12.86
N ASP B 343 -9.87 -33.50 -13.46
CA ASP B 343 -9.45 -32.80 -14.67
C ASP B 343 -10.05 -31.41 -14.75
N ASP B 344 -9.61 -30.65 -15.76
CA ASP B 344 -10.09 -29.29 -15.97
C ASP B 344 -11.58 -29.29 -16.28
N GLU B 345 -12.02 -30.26 -17.06
CA GLU B 345 -13.43 -30.38 -17.42
C GLU B 345 -14.25 -30.51 -16.15
N VAL B 346 -13.81 -31.38 -15.26
CA VAL B 346 -14.50 -31.59 -13.99
C VAL B 346 -14.55 -30.28 -13.21
N ALA B 347 -13.42 -29.59 -13.11
CA ALA B 347 -13.38 -28.33 -12.39
C ALA B 347 -14.34 -27.31 -12.99
N ASP B 348 -14.42 -27.25 -14.33
CA ASP B 348 -15.32 -26.31 -14.98
C ASP B 348 -16.77 -26.60 -14.65
N ALA B 349 -17.18 -27.87 -14.76
CA ALA B 349 -18.55 -28.25 -14.45
C ALA B 349 -18.86 -28.01 -12.98
N PHE B 350 -17.91 -28.35 -12.10
CA PHE B 350 -18.08 -28.06 -10.68
C PHE B 350 -18.30 -26.58 -10.43
N HIS B 351 -17.50 -25.73 -11.08
CA HIS B 351 -17.59 -24.29 -10.83
C HIS B 351 -18.89 -23.71 -11.34
N ALA B 352 -19.38 -24.20 -12.48
CA ALA B 352 -20.69 -23.77 -12.95
C ALA B 352 -21.80 -24.22 -12.01
N ALA B 353 -21.75 -25.49 -11.56
CA ALA B 353 -22.76 -25.99 -10.64
C ALA B 353 -22.70 -25.26 -9.30
N ALA B 354 -21.48 -25.03 -8.78
CA ALA B 354 -21.35 -24.28 -7.54
C ALA B 354 -21.97 -22.89 -7.66
N ALA B 355 -21.64 -22.16 -8.72
CA ALA B 355 -22.21 -20.83 -8.90
C ALA B 355 -23.73 -20.90 -8.96
N ALA B 356 -24.28 -21.89 -9.67
CA ALA B 356 -25.74 -21.99 -9.79
C ALA B 356 -26.42 -22.12 -8.43
N GLU B 357 -25.77 -22.74 -7.47
CA GLU B 357 -26.34 -22.87 -6.13
C GLU B 357 -26.01 -21.69 -5.21
N GLY B 358 -25.24 -20.72 -5.69
CA GLY B 358 -24.87 -19.59 -4.85
C GLY B 358 -23.69 -19.85 -3.93
N LEU B 359 -22.82 -20.79 -4.28
CA LEU B 359 -21.57 -20.95 -3.55
C LEU B 359 -20.51 -20.14 -4.29
N LEU B 360 -19.90 -19.19 -3.59
CA LEU B 360 -18.88 -18.34 -4.19
C LEU B 360 -17.53 -18.88 -3.75
N PHE B 361 -16.89 -19.66 -4.61
CA PHE B 361 -15.56 -20.19 -4.33
C PHE B 361 -14.50 -19.34 -5.02
N PHE B 362 -13.28 -19.40 -4.48
CA PHE B 362 -12.11 -18.84 -5.15
C PHE B 362 -11.63 -19.93 -6.10
N GLU B 363 -11.93 -19.78 -7.39
CA GLU B 363 -11.89 -20.93 -8.28
C GLU B 363 -10.45 -21.35 -8.56
N GLY B 364 -10.17 -22.63 -8.37
CA GLY B 364 -8.83 -23.13 -8.58
C GLY B 364 -7.82 -22.69 -7.55
N ASP B 365 -8.27 -22.07 -6.47
CA ASP B 365 -7.39 -21.60 -5.41
C ASP B 365 -7.94 -22.10 -4.08
N ASN B 366 -7.58 -21.42 -2.99
CA ASN B 366 -7.99 -21.90 -1.68
C ASN B 366 -9.22 -21.17 -1.18
N GLN B 367 -10.03 -21.91 -0.43
CA GLN B 367 -11.22 -21.41 0.23
C GLN B 367 -10.90 -21.16 1.69
N THR B 368 -11.34 -20.01 2.20
CA THR B 368 -10.98 -19.55 3.55
C THR B 368 -12.24 -19.01 4.19
N PRO B 369 -12.96 -19.84 4.93
CA PRO B 369 -14.17 -19.36 5.62
C PRO B 369 -13.79 -18.31 6.66
N SER B 370 -14.77 -17.48 6.99
CA SER B 370 -14.65 -16.49 8.05
C SER B 370 -15.40 -16.94 9.30
N ALA B 371 -15.22 -16.19 10.38
CA ALA B 371 -15.93 -16.49 11.62
C ALA B 371 -17.44 -16.39 11.46
N ALA B 372 -17.92 -15.75 10.41
CA ALA B 372 -19.35 -15.69 10.15
C ALA B 372 -19.91 -16.99 9.61
N PHE B 373 -19.05 -17.96 9.29
CA PHE B 373 -19.42 -19.30 8.83
C PHE B 373 -19.81 -20.10 10.06
N THR B 374 -21.02 -19.81 10.55
CA THR B 374 -21.57 -20.40 11.76
C THR B 374 -22.25 -21.74 11.46
N ASP B 375 -22.78 -22.38 12.50
CA ASP B 375 -23.46 -23.66 12.31
C ASP B 375 -24.62 -23.55 11.31
N GLU B 376 -25.38 -22.46 11.38
CA GLU B 376 -26.50 -22.27 10.46
C GLU B 376 -26.03 -22.10 9.01
N VAL B 377 -24.94 -21.37 8.81
CA VAL B 377 -24.43 -21.18 7.45
C VAL B 377 -23.86 -22.49 6.91
N VAL B 378 -23.23 -23.28 7.78
CA VAL B 378 -22.71 -24.59 7.37
C VAL B 378 -23.83 -25.47 6.85
N GLU B 379 -24.94 -25.47 7.58
CA GLU B 379 -26.10 -26.24 7.17
C GLU B 379 -26.54 -25.78 5.78
N ASP B 380 -26.61 -24.47 5.59
CA ASP B 380 -27.01 -23.93 4.29
C ASP B 380 -26.00 -24.30 3.20
N ALA B 381 -24.71 -24.21 3.49
CA ALA B 381 -23.73 -24.52 2.45
C ALA B 381 -23.76 -26.02 2.12
N CYS B 382 -23.98 -26.85 3.14
CA CYS B 382 -24.07 -28.30 2.89
C CYS B 382 -25.25 -28.64 1.99
N GLY B 383 -26.40 -27.99 2.21
CA GLY B 383 -27.51 -28.18 1.30
C GLY B 383 -27.18 -27.75 -0.11
N ARG B 384 -26.40 -26.68 -0.25
CA ARG B 384 -26.04 -26.28 -1.60
C ARG B 384 -25.04 -27.24 -2.21
N ILE B 385 -24.17 -27.84 -1.40
CA ILE B 385 -23.24 -28.86 -1.91
C ILE B 385 -23.99 -30.12 -2.29
N ASP B 386 -25.01 -30.51 -1.51
CA ASP B 386 -25.89 -31.61 -1.89
C ASP B 386 -26.42 -31.44 -3.32
N ARG B 387 -26.82 -30.22 -3.67
CA ARG B 387 -27.36 -29.97 -5.00
C ARG B 387 -26.27 -29.91 -6.07
N VAL B 388 -25.07 -29.44 -5.72
CA VAL B 388 -23.96 -29.54 -6.67
C VAL B 388 -23.64 -31.00 -6.94
N SER B 389 -23.59 -31.82 -5.89
CA SER B 389 -23.34 -33.23 -6.06
C SER B 389 -24.37 -33.86 -6.99
N ALA B 390 -25.66 -33.62 -6.71
CA ALA B 390 -26.71 -34.15 -7.57
C ALA B 390 -26.57 -33.66 -9.01
N ALA B 391 -26.06 -32.45 -9.21
CA ALA B 391 -25.90 -31.93 -10.57
C ALA B 391 -24.65 -32.43 -11.26
N LEU B 392 -23.75 -33.10 -10.54
CA LEU B 392 -22.56 -33.67 -11.15
C LEU B 392 -22.64 -35.19 -11.32
N THR B 393 -23.59 -35.84 -10.65
CA THR B 393 -23.68 -37.30 -10.67
C THR B 393 -23.79 -37.83 -12.09
N GLY B 394 -23.20 -39.00 -12.31
CA GLY B 394 -23.24 -39.71 -13.56
C GLY B 394 -22.64 -39.05 -14.77
N ARG B 395 -21.86 -37.99 -14.56
CA ARG B 395 -21.25 -37.29 -15.68
C ARG B 395 -19.76 -37.61 -15.81
N PHE B 396 -19.08 -37.78 -14.69
CA PHE B 396 -17.64 -38.06 -14.66
C PHE B 396 -17.29 -39.25 -13.77
N THR B 397 -18.18 -40.24 -13.69
CA THR B 397 -17.96 -41.41 -12.85
C THR B 397 -16.74 -42.24 -13.24
N ASP B 398 -16.24 -42.05 -14.45
CA ASP B 398 -15.13 -42.82 -14.96
C ASP B 398 -13.76 -42.26 -14.55
N ARG B 399 -13.68 -40.97 -14.26
CA ARG B 399 -12.40 -40.30 -14.17
C ARG B 399 -11.75 -40.49 -12.79
N GLU B 400 -10.44 -40.69 -12.80
CA GLU B 400 -9.66 -40.95 -11.62
C GLU B 400 -8.85 -39.70 -11.25
N LEU B 401 -8.59 -39.54 -9.96
CA LEU B 401 -7.68 -38.53 -9.45
C LEU B 401 -6.26 -39.02 -9.65
N THR B 402 -5.61 -38.56 -10.72
CA THR B 402 -4.24 -38.96 -11.02
C THR B 402 -3.24 -38.07 -10.29
N GLU B 403 -1.98 -38.51 -10.24
CA GLU B 403 -0.93 -37.62 -9.76
C GLU B 403 -0.95 -36.31 -10.52
N GLU B 404 -1.29 -36.37 -11.81
CA GLU B 404 -1.39 -35.14 -12.58
C GLU B 404 -2.46 -34.20 -12.02
N SER B 405 -3.57 -34.76 -11.53
CA SER B 405 -4.63 -33.93 -10.95
C SER B 405 -4.17 -33.26 -9.65
N TRP B 406 -3.42 -33.99 -8.83
CA TRP B 406 -2.99 -33.44 -7.55
C TRP B 406 -1.96 -32.34 -7.74
N TYR B 407 -0.98 -32.53 -8.64
CA TYR B 407 0.03 -31.51 -8.86
C TYR B 407 -0.58 -30.28 -9.51
N ALA B 408 -1.50 -30.47 -10.45
CA ALA B 408 -2.08 -29.32 -11.14
C ALA B 408 -2.92 -28.47 -10.20
N SER B 409 -3.72 -29.09 -9.34
CA SER B 409 -4.53 -28.29 -8.43
C SER B 409 -3.69 -27.68 -7.31
N ALA B 410 -2.69 -28.41 -6.81
CA ALA B 410 -1.78 -27.81 -5.82
C ALA B 410 -1.03 -26.62 -6.42
N TRP B 411 -0.57 -26.74 -7.68
CA TRP B 411 0.17 -25.67 -8.32
C TRP B 411 -0.67 -24.39 -8.41
N GLY B 412 -1.97 -24.54 -8.65
CA GLY B 412 -2.82 -23.37 -8.71
C GLY B 412 -2.91 -22.65 -7.37
N ALA B 413 -2.96 -23.41 -6.28
CA ALA B 413 -3.27 -22.84 -4.99
C ALA B 413 -2.05 -22.40 -4.19
N MET B 414 -0.96 -23.17 -4.21
CA MET B 414 0.20 -22.76 -3.44
C MET B 414 1.41 -22.42 -4.30
N ASP B 415 1.27 -22.45 -5.62
CA ASP B 415 2.22 -21.81 -6.54
C ASP B 415 3.55 -22.56 -6.63
N GLY B 416 3.52 -23.86 -6.39
CA GLY B 416 4.69 -24.68 -6.62
C GLY B 416 4.33 -26.15 -6.58
N LEU B 417 5.34 -26.98 -6.30
CA LEU B 417 5.21 -28.43 -6.34
C LEU B 417 4.77 -28.98 -4.99
N ALA B 418 3.70 -29.78 -4.99
CA ALA B 418 3.27 -30.49 -3.80
C ALA B 418 4.38 -31.41 -3.31
N ASP B 419 4.37 -31.72 -2.00
CA ASP B 419 5.34 -32.67 -1.45
C ASP B 419 4.76 -34.06 -1.55
N ARG B 420 4.94 -34.68 -2.71
CA ARG B 420 4.58 -36.07 -2.96
C ARG B 420 5.81 -36.76 -3.53
N PRO B 421 6.07 -38.01 -3.13
CA PRO B 421 7.30 -38.66 -3.57
C PRO B 421 7.40 -38.71 -5.10
N ARG B 422 8.59 -38.41 -5.61
CA ARG B 422 8.78 -38.32 -7.05
C ARG B 422 10.27 -38.40 -7.37
N THR B 423 10.57 -38.83 -8.58
CA THR B 423 11.95 -38.86 -9.08
C THR B 423 12.36 -37.48 -9.59
N ARG B 424 13.67 -37.29 -9.76
CA ARG B 424 14.15 -36.04 -10.36
C ARG B 424 13.68 -35.88 -11.79
N GLU B 425 13.62 -36.99 -12.54
CA GLU B 425 13.11 -36.88 -13.90
C GLU B 425 11.63 -36.50 -13.88
N GLU B 426 10.89 -36.99 -12.88
CA GLU B 426 9.48 -36.63 -12.78
C GLU B 426 9.31 -35.17 -12.44
N THR B 427 10.18 -34.62 -11.58
CA THR B 427 10.15 -33.18 -11.31
C THR B 427 10.24 -32.39 -12.61
N THR B 428 11.24 -32.69 -13.44
CA THR B 428 11.39 -32.00 -14.72
C THR B 428 10.12 -32.11 -15.56
N ALA B 429 9.51 -33.29 -15.61
CA ALA B 429 8.33 -33.46 -16.44
C ALA B 429 7.15 -32.69 -15.89
N ILE B 430 6.97 -32.66 -14.57
CA ILE B 430 5.88 -31.88 -14.01
C ILE B 430 6.05 -30.40 -14.33
N VAL B 431 7.27 -29.88 -14.13
CA VAL B 431 7.51 -28.46 -14.37
C VAL B 431 7.29 -28.12 -15.84
N GLU B 432 7.68 -29.02 -16.74
CA GLU B 432 7.45 -28.77 -18.16
C GLU B 432 5.96 -28.69 -18.48
N ARG B 433 5.14 -29.51 -17.81
CA ARG B 433 3.69 -29.50 -18.02
C ARG B 433 3.06 -28.22 -17.50
N LEU B 434 3.48 -27.76 -16.32
CA LEU B 434 2.72 -26.78 -15.54
C LEU B 434 3.26 -25.37 -15.63
N TRP B 435 4.50 -25.17 -16.08
CA TRP B 435 5.08 -23.83 -16.08
C TRP B 435 4.43 -22.95 -17.14
N GLU B 436 4.25 -21.68 -16.79
CA GLU B 436 3.52 -20.72 -17.60
C GLU B 436 4.46 -19.84 -18.45
#